data_6Z1H
#
_entry.id   6Z1H
#
_cell.length_a   52.263
_cell.length_b   80.668
_cell.length_c   97.808
_cell.angle_alpha   90.000
_cell.angle_beta   100.061
_cell.angle_gamma   90.000
#
_symmetry.space_group_name_H-M   'P 1 21 1'
#
loop_
_entity.id
_entity.type
_entity.pdbx_description
1 polymer 'ANCESTRAL RECONSTRUCTED GLYCOSIDASE'
2 polymer 'Residues 249 to 266 of chain A and 246 to 258 of chain B could not be identified and has been included as UNK in chain C and D, respectively.'
3 polymer 'Residues 249 to 266 of chain A and 246 to 258 of chain B could not be identified and has been included as UNK in chain C and D, respectively.'
4 non-polymer GLYCEROL
5 non-polymer 'SULFATE ION'
6 non-polymer 'ISOPROPYL ALCOHOL'
7 water water
#
loop_
_entity_poly.entity_id
_entity_poly.type
_entity_poly.pdbx_seq_one_letter_code
_entity_poly.pdbx_strand_id
1 'polypeptide(L)'
;MTQTAAKSLKFPKDFLWGAATAAYQIEGAANEDGRGPSIWDTFSHTPGKVHNGDNGDVACDHYHRYKEDVELMKELGLNA
YRFSISWPRILPEGEGKVNQKGLDFYNNLIDELLENGIEPFVTLYHWDLPQALQDKGGWENRETVDAFAEYARVCFERFG
DRVKYWITFNEPNVFAVLGYLSGVHPPGMKDLKKAFRAAHNLLLAHARAVKAYREISQNGQIGITLNLSPVYPASDNEEE
DKAAAERADQFNNWFLDPIFKGKYEHMLERLGEQIAANGGELPEITDEMEILSASLDFIGLNYYTSNLVRANPNSGSSSV
KPPDLPRTDMGWEIYPEGLYDLLKRIHEKYNLPIYITENGMAVDDEVEDGAVHDTNRIDYLKEHLEAVHKAIEEGVNVRG
YFVWSLMDNFEWANGYSKRFGLIYVDYKTQKRTPKKSAYWYREVIKSNGLELEHHHHHH
;
A,B
2 'polypeptide(L)'
;(UNK)(UNK)(UNK)(UNK)(UNK)(UNK)(UNK)(UNK)(UNK)(UNK)(UNK)(UNK)(UNK)(UNK)(UNK)(UNK)
(UNK)(UNK)
;
C
3 'polypeptide(L)' (UNK)(UNK)(UNK)(UNK)(UNK)(UNK)(UNK)(UNK)(UNK)(UNK)(UNK)(UNK)(UNK) D
#
loop_
_chem_comp.id
_chem_comp.type
_chem_comp.name
_chem_comp.formula
GOL non-polymer GLYCEROL 'C3 H8 O3'
IPA non-polymer 'ISOPROPYL ALCOHOL' 'C3 H8 O'
SO4 non-polymer 'SULFATE ION' 'O4 S -2'
#
# COMPACT_ATOMS: atom_id res chain seq x y z
N SER A 8 -20.14 43.78 19.75
CA SER A 8 -18.87 43.08 19.58
C SER A 8 -18.67 42.04 20.67
N LEU A 9 -17.99 40.94 20.33
CA LEU A 9 -17.85 39.79 21.22
C LEU A 9 -16.36 39.49 21.40
N LYS A 10 -15.84 39.77 22.58
N LYS A 10 -15.81 39.82 22.56
CA LYS A 10 -14.44 39.56 22.90
CA LYS A 10 -14.40 39.59 22.82
C LYS A 10 -14.20 38.18 23.49
C LYS A 10 -14.20 38.21 23.45
N PHE A 11 -13.04 37.63 23.19
CA PHE A 11 -12.60 36.35 23.72
C PHE A 11 -11.53 36.56 24.78
N PRO A 12 -11.22 35.54 25.58
CA PRO A 12 -10.16 35.68 26.59
C PRO A 12 -8.84 36.13 25.95
N LYS A 13 -7.98 36.71 26.80
CA LYS A 13 -6.83 37.45 26.28
C LYS A 13 -5.87 36.52 25.52
N ASP A 14 -5.49 35.41 26.13
CA ASP A 14 -4.54 34.49 25.52
C ASP A 14 -5.23 33.38 24.74
N PHE A 15 -6.48 33.58 24.35
CA PHE A 15 -7.23 32.60 23.56
C PHE A 15 -6.45 32.21 22.30
N LEU A 16 -6.38 30.91 22.04
CA LEU A 16 -5.65 30.41 20.89
C LEU A 16 -6.50 30.52 19.63
N TRP A 17 -5.94 31.17 18.61
CA TRP A 17 -6.55 31.23 17.28
C TRP A 17 -5.65 30.47 16.32
N GLY A 18 -6.21 29.43 15.71
CA GLY A 18 -5.39 28.61 14.83
C GLY A 18 -6.19 28.01 13.68
N ALA A 19 -5.48 27.26 12.86
CA ALA A 19 -6.06 26.43 11.81
C ALA A 19 -5.39 25.07 11.87
N ALA A 20 -6.06 24.05 11.34
CA ALA A 20 -5.64 22.67 11.51
C ALA A 20 -5.43 21.98 10.16
N THR A 21 -4.45 21.08 10.15
CA THR A 21 -4.19 20.20 9.00
C THR A 21 -3.88 18.80 9.54
N ALA A 22 -3.65 17.87 8.61
CA ALA A 22 -3.22 16.53 8.94
C ALA A 22 -2.17 16.10 7.92
N ALA A 23 -1.23 15.28 8.38
CA ALA A 23 -0.02 15.01 7.59
C ALA A 23 -0.37 14.48 6.20
N TYR A 24 -1.07 13.35 6.13
CA TYR A 24 -1.33 12.75 4.82
C TYR A 24 -2.25 13.61 3.96
N GLN A 25 -3.02 14.51 4.56
CA GLN A 25 -3.94 15.31 3.78
C GLN A 25 -3.25 16.46 3.04
N ILE A 26 -2.07 16.89 3.47
CA ILE A 26 -1.43 18.05 2.84
C ILE A 26 0.00 17.78 2.40
N GLU A 27 0.69 16.84 3.08
CA GLU A 27 2.15 16.78 2.96
C GLU A 27 2.60 16.40 1.56
N GLY A 28 2.06 15.33 1.01
CA GLY A 28 2.67 14.83 -0.21
C GLY A 28 4.00 14.17 0.13
N ALA A 29 4.87 14.13 -0.88
CA ALA A 29 6.19 13.49 -0.76
C ALA A 29 6.05 12.11 -0.14
N ALA A 30 5.04 11.36 -0.60
CA ALA A 30 4.66 10.12 0.07
C ALA A 30 5.77 9.08 0.00
N ASN A 31 6.49 9.03 -1.10
CA ASN A 31 7.56 8.07 -1.33
C ASN A 31 8.89 8.78 -1.57
N GLU A 32 9.13 9.85 -0.81
CA GLU A 32 10.37 10.60 -0.88
C GLU A 32 10.98 10.70 0.50
N ASP A 33 12.30 10.95 0.52
CA ASP A 33 13.02 11.32 1.74
C ASP A 33 12.77 10.33 2.88
N GLY A 34 12.71 9.05 2.53
CA GLY A 34 12.69 7.99 3.52
C GLY A 34 11.34 7.69 4.15
N ARG A 35 10.25 8.23 3.63
CA ARG A 35 8.93 7.94 4.19
C ARG A 35 8.45 6.57 3.73
N GLY A 36 7.96 5.78 4.68
CA GLY A 36 7.32 4.52 4.36
C GLY A 36 5.85 4.71 4.08
N PRO A 37 5.19 3.70 3.52
CA PRO A 37 3.78 3.83 3.19
C PRO A 37 2.88 3.62 4.41
N SER A 38 1.76 4.35 4.40
CA SER A 38 0.71 4.20 5.39
C SER A 38 -0.47 3.44 4.78
N ILE A 39 -1.43 3.10 5.63
CA ILE A 39 -2.61 2.38 5.15
C ILE A 39 -3.43 3.24 4.20
N TRP A 40 -3.27 4.55 4.26
CA TRP A 40 -4.00 5.41 3.32
C TRP A 40 -3.30 5.50 1.97
N ASP A 41 -1.98 5.33 1.93
CA ASP A 41 -1.30 5.09 0.66
C ASP A 41 -1.91 3.87 -0.04
N THR A 42 -2.00 2.76 0.69
CA THR A 42 -2.62 1.56 0.14
C THR A 42 -4.07 1.79 -0.23
N PHE A 43 -4.82 2.46 0.64
CA PHE A 43 -6.26 2.62 0.44
C PHE A 43 -6.55 3.46 -0.81
N SER A 44 -5.85 4.57 -0.98
CA SER A 44 -6.09 5.46 -2.11
C SER A 44 -5.45 4.98 -3.41
N HIS A 45 -4.67 3.90 -3.37
CA HIS A 45 -4.21 3.23 -4.57
C HIS A 45 -5.10 2.04 -4.94
N THR A 46 -6.21 1.87 -4.24
CA THR A 46 -7.15 0.79 -4.50
C THR A 46 -8.39 1.37 -5.17
N PRO A 47 -8.73 0.93 -6.39
CA PRO A 47 -9.91 1.46 -7.07
C PRO A 47 -11.18 1.29 -6.24
N GLY A 48 -12.08 2.26 -6.40
CA GLY A 48 -13.37 2.23 -5.72
C GLY A 48 -13.36 2.72 -4.29
N LYS A 49 -12.19 3.04 -3.72
CA LYS A 49 -12.11 3.43 -2.33
C LYS A 49 -12.19 4.93 -2.13
N VAL A 50 -11.64 5.71 -3.04
CA VAL A 50 -11.58 7.16 -2.93
C VAL A 50 -12.21 7.78 -4.17
N HIS A 51 -12.88 8.91 -3.98
CA HIS A 51 -13.55 9.61 -5.08
C HIS A 51 -12.55 9.95 -6.19
N ASN A 52 -12.82 9.43 -7.39
CA ASN A 52 -12.08 9.76 -8.62
C ASN A 52 -10.63 9.30 -8.55
N GLY A 53 -10.33 8.23 -7.80
CA GLY A 53 -8.97 7.74 -7.77
C GLY A 53 -7.95 8.73 -7.25
N ASP A 54 -8.40 9.77 -6.54
CA ASP A 54 -7.47 10.69 -5.90
C ASP A 54 -6.65 9.95 -4.85
N ASN A 55 -5.41 10.39 -4.67
CA ASN A 55 -4.54 9.86 -3.65
C ASN A 55 -3.71 10.99 -3.07
N GLY A 56 -2.97 10.68 -2.01
CA GLY A 56 -2.17 11.69 -1.34
C GLY A 56 -0.71 11.64 -1.72
N ASP A 57 -0.39 11.15 -2.92
CA ASP A 57 1.00 11.15 -3.39
C ASP A 57 1.58 12.54 -3.36
N VAL A 58 0.85 13.52 -3.90
CA VAL A 58 1.32 14.90 -3.99
C VAL A 58 0.56 15.80 -3.02
N ALA A 59 -0.76 15.72 -3.02
CA ALA A 59 -1.63 16.47 -2.10
C ALA A 59 -1.32 17.96 -2.26
N CYS A 60 -1.07 18.70 -1.20
CA CYS A 60 -0.75 20.11 -1.27
C CYS A 60 0.75 20.36 -1.42
N ASP A 61 1.56 19.29 -1.54
CA ASP A 61 3.01 19.40 -1.62
C ASP A 61 3.57 20.22 -0.46
N HIS A 62 2.86 20.18 0.67
CA HIS A 62 3.24 21.01 1.82
C HIS A 62 4.62 20.63 2.35
N TYR A 63 5.04 19.37 2.15
CA TYR A 63 6.37 18.96 2.57
C TYR A 63 7.45 19.82 1.93
N HIS A 64 7.30 20.13 0.64
CA HIS A 64 8.27 20.97 -0.04
C HIS A 64 7.97 22.46 0.09
N ARG A 65 6.72 22.83 0.35
CA ARG A 65 6.31 24.23 0.32
C ARG A 65 5.98 24.76 1.72
N TYR A 66 6.53 24.14 2.77
CA TYR A 66 6.13 24.50 4.12
C TYR A 66 6.52 25.94 4.48
N LYS A 67 7.65 26.42 3.95
N LYS A 67 7.65 26.42 3.96
CA LYS A 67 8.07 27.78 4.25
CA LYS A 67 8.07 27.78 4.25
C LYS A 67 7.06 28.80 3.75
C LYS A 67 7.06 28.80 3.75
N GLU A 68 6.58 28.62 2.51
CA GLU A 68 5.54 29.50 2.00
C GLU A 68 4.25 29.36 2.81
N ASP A 69 3.92 28.14 3.22
CA ASP A 69 2.71 27.93 4.00
C ASP A 69 2.83 28.58 5.37
N VAL A 70 4.00 28.47 6.02
CA VAL A 70 4.20 29.14 7.31
C VAL A 70 4.08 30.65 7.14
N GLU A 71 4.60 31.18 6.03
N GLU A 71 4.59 31.18 6.02
CA GLU A 71 4.47 32.61 5.77
CA GLU A 71 4.47 32.61 5.76
C GLU A 71 3.01 33.02 5.58
C GLU A 71 3.02 33.02 5.59
N LEU A 72 2.19 32.15 5.00
CA LEU A 72 0.77 32.44 4.89
C LEU A 72 0.10 32.40 6.25
N MET A 73 0.57 31.53 7.15
CA MET A 73 0.05 31.52 8.51
C MET A 73 0.35 32.83 9.23
N LYS A 74 1.55 33.37 9.02
CA LYS A 74 1.92 34.63 9.67
C LYS A 74 1.04 35.77 9.19
N GLU A 75 0.81 35.87 7.87
CA GLU A 75 -0.08 36.90 7.35
C GLU A 75 -1.51 36.69 7.85
N LEU A 76 -1.91 35.44 8.04
CA LEU A 76 -3.20 35.15 8.65
C LEU A 76 -3.27 35.70 10.07
N GLY A 77 -2.15 35.70 10.77
CA GLY A 77 -2.12 36.14 12.15
C GLY A 77 -2.29 35.03 13.17
N LEU A 78 -2.06 33.78 12.79
CA LEU A 78 -2.23 32.68 13.72
C LEU A 78 -1.24 32.77 14.87
N ASN A 79 -1.69 32.40 16.06
CA ASN A 79 -0.80 32.17 17.19
C ASN A 79 -0.62 30.69 17.49
N ALA A 80 -1.36 29.82 16.81
CA ALA A 80 -1.26 28.38 17.00
C ALA A 80 -1.56 27.69 15.68
N TYR A 81 -0.94 26.52 15.48
CA TYR A 81 -1.14 25.75 14.26
C TYR A 81 -1.19 24.28 14.63
N ARG A 82 -2.30 23.62 14.27
CA ARG A 82 -2.50 22.21 14.55
C ARG A 82 -2.09 21.40 13.33
N PHE A 83 -1.06 20.56 13.51
CA PHE A 83 -0.65 19.64 12.47
C PHE A 83 -0.36 18.29 13.09
N SER A 84 -0.18 17.29 12.24
CA SER A 84 0.09 15.93 12.68
C SER A 84 1.41 15.45 12.11
N ILE A 85 2.07 14.59 12.86
CA ILE A 85 3.31 13.96 12.43
C ILE A 85 2.95 12.65 11.75
N SER A 86 3.48 12.44 10.55
CA SER A 86 3.28 11.19 9.83
C SER A 86 4.16 10.13 10.46
N TRP A 87 3.54 9.24 11.24
CA TRP A 87 4.21 8.07 11.81
C TRP A 87 5.15 7.38 10.82
N PRO A 88 4.74 7.00 9.61
CA PRO A 88 5.67 6.34 8.69
C PRO A 88 6.71 7.25 8.06
N ARG A 89 6.64 8.56 8.28
CA ARG A 89 7.76 9.42 7.89
C ARG A 89 8.83 9.49 8.97
N ILE A 90 8.50 9.08 10.20
CA ILE A 90 9.47 8.97 11.28
C ILE A 90 9.99 7.54 11.40
N LEU A 91 9.10 6.57 11.36
CA LEU A 91 9.46 5.15 11.37
C LEU A 91 8.83 4.51 10.14
N PRO A 92 9.59 4.32 9.05
CA PRO A 92 8.99 3.78 7.82
C PRO A 92 8.30 2.44 8.00
N GLU A 93 8.68 1.68 9.03
CA GLU A 93 8.03 0.42 9.35
C GLU A 93 7.22 0.50 10.65
N GLY A 94 7.08 1.69 11.21
CA GLY A 94 6.36 1.86 12.45
C GLY A 94 7.19 1.71 13.70
N GLU A 95 8.31 0.98 13.63
CA GLU A 95 9.21 0.85 14.77
C GLU A 95 10.59 0.48 14.24
N GLY A 96 11.60 0.72 15.08
CA GLY A 96 12.98 0.40 14.73
C GLY A 96 13.69 1.59 14.07
N LYS A 97 14.05 1.40 12.81
CA LYS A 97 14.83 2.36 12.05
C LYS A 97 14.14 3.73 11.96
N VAL A 98 14.85 4.79 12.40
CA VAL A 98 14.33 6.15 12.41
C VAL A 98 14.80 6.88 11.16
N ASN A 99 13.93 7.71 10.60
CA ASN A 99 14.22 8.46 9.38
C ASN A 99 14.72 9.86 9.77
N GLN A 100 16.03 10.06 9.68
CA GLN A 100 16.61 11.36 10.01
C GLN A 100 16.03 12.47 9.16
N LYS A 101 15.76 12.20 7.89
N LYS A 101 15.76 12.20 7.89
CA LYS A 101 15.18 13.21 7.01
CA LYS A 101 15.17 13.19 7.01
C LYS A 101 13.79 13.62 7.49
C LYS A 101 13.79 13.62 7.49
N GLY A 102 13.01 12.67 8.01
CA GLY A 102 11.71 13.01 8.56
C GLY A 102 11.82 13.87 9.80
N LEU A 103 12.81 13.57 10.66
CA LEU A 103 13.04 14.39 11.84
C LEU A 103 13.47 15.80 11.43
N ASP A 104 14.30 15.91 10.40
CA ASP A 104 14.74 17.23 9.93
C ASP A 104 13.56 18.08 9.47
N PHE A 105 12.56 17.45 8.86
CA PHE A 105 11.43 18.21 8.32
C PHE A 105 10.62 18.84 9.44
N TYR A 106 10.24 18.04 10.44
CA TYR A 106 9.38 18.56 11.50
C TYR A 106 10.15 19.48 12.44
N ASN A 107 11.46 19.30 12.57
CA ASN A 107 12.26 20.28 13.30
C ASN A 107 12.25 21.62 12.58
N ASN A 108 12.43 21.60 11.26
CA ASN A 108 12.37 22.84 10.49
C ASN A 108 10.98 23.45 10.54
N LEU A 109 9.93 22.62 10.51
CA LEU A 109 8.57 23.14 10.58
C LEU A 109 8.31 23.80 11.94
N ILE A 110 8.63 23.10 13.02
CA ILE A 110 8.43 23.64 14.37
C ILE A 110 9.18 24.96 14.52
N ASP A 111 10.46 24.97 14.13
CA ASP A 111 11.27 26.17 14.29
C ASP A 111 10.75 27.32 13.44
N GLU A 112 10.24 27.01 12.24
CA GLU A 112 9.66 28.05 11.40
C GLU A 112 8.39 28.61 12.03
N LEU A 113 7.60 27.76 12.68
CA LEU A 113 6.37 28.23 13.34
C LEU A 113 6.69 29.16 14.50
N LEU A 114 7.63 28.76 15.37
CA LEU A 114 7.98 29.59 16.52
C LEU A 114 8.65 30.89 16.10
N GLU A 115 9.41 30.86 15.00
CA GLU A 115 10.04 32.08 14.50
C GLU A 115 9.01 33.14 14.12
N ASN A 116 7.77 32.73 13.81
CA ASN A 116 6.70 33.65 13.43
C ASN A 116 5.59 33.70 14.48
N GLY A 117 5.90 33.36 15.73
CA GLY A 117 4.94 33.49 16.82
C GLY A 117 3.81 32.49 16.80
N ILE A 118 4.00 31.33 16.18
CA ILE A 118 2.95 30.34 16.02
C ILE A 118 3.28 29.15 16.92
N GLU A 119 2.35 28.78 17.79
CA GLU A 119 2.57 27.74 18.77
C GLU A 119 2.12 26.40 18.21
N PRO A 120 3.00 25.40 18.11
CA PRO A 120 2.58 24.10 17.56
C PRO A 120 1.58 23.39 18.46
N PHE A 121 0.71 22.60 17.82
CA PHE A 121 -0.38 21.84 18.45
C PHE A 121 -0.42 20.49 17.71
N VAL A 122 0.44 19.57 18.14
CA VAL A 122 0.85 18.44 17.32
C VAL A 122 -0.02 17.22 17.65
N THR A 123 -0.49 16.53 16.61
CA THR A 123 -1.23 15.29 16.73
C THR A 123 -0.33 14.13 16.34
N LEU A 124 -0.21 13.13 17.23
CA LEU A 124 0.65 11.99 16.96
C LEU A 124 0.07 11.10 15.87
N TYR A 125 -1.18 10.66 16.05
CA TYR A 125 -1.84 9.74 15.14
C TYR A 125 -3.04 10.43 14.51
N HIS A 126 -2.94 10.71 13.21
CA HIS A 126 -4.08 11.23 12.48
C HIS A 126 -4.42 10.31 11.31
N TRP A 127 -4.59 9.01 11.62
CA TRP A 127 -5.15 7.96 10.77
C TRP A 127 -4.18 7.36 9.76
N ASP A 128 -2.89 7.68 9.82
CA ASP A 128 -1.92 7.16 8.84
C ASP A 128 -1.06 6.08 9.50
N LEU A 129 -1.69 4.96 9.83
CA LEU A 129 -0.96 3.84 10.41
C LEU A 129 0.05 3.30 9.39
N PRO A 130 1.30 3.05 9.79
CA PRO A 130 2.26 2.46 8.86
C PRO A 130 1.80 1.10 8.34
N GLN A 131 1.90 0.93 7.01
CA GLN A 131 1.38 -0.28 6.37
C GLN A 131 2.07 -1.54 6.87
N ALA A 132 3.34 -1.44 7.24
CA ALA A 132 4.05 -2.61 7.77
C ALA A 132 3.39 -3.14 9.03
N LEU A 133 2.82 -2.26 9.86
CA LEU A 133 2.11 -2.72 11.04
C LEU A 133 0.76 -3.34 10.68
N GLN A 134 0.12 -2.87 9.61
CA GLN A 134 -1.16 -3.43 9.18
C GLN A 134 -0.97 -4.83 8.59
N ASP A 135 0.20 -5.09 8.00
CA ASP A 135 0.48 -6.43 7.47
C ASP A 135 0.44 -7.48 8.57
N LYS A 136 0.75 -7.09 9.81
CA LYS A 136 0.74 -8.00 10.95
C LYS A 136 -0.55 -7.92 11.76
N GLY A 137 -1.57 -7.22 11.26
CA GLY A 137 -2.84 -7.10 11.94
C GLY A 137 -3.23 -5.69 12.33
N GLY A 138 -2.32 -4.72 12.25
CA GLY A 138 -2.66 -3.36 12.58
C GLY A 138 -3.07 -3.21 14.04
N TRP A 139 -4.16 -2.49 14.26
CA TRP A 139 -4.65 -2.24 15.61
C TRP A 139 -5.30 -3.47 16.25
N GLU A 140 -5.40 -4.58 15.52
CA GLU A 140 -5.85 -5.82 16.14
C GLU A 140 -4.72 -6.56 16.86
N ASN A 141 -3.47 -6.15 16.65
CA ASN A 141 -2.32 -6.78 17.28
C ASN A 141 -1.69 -5.81 18.27
N ARG A 142 -1.38 -6.30 19.47
CA ARG A 142 -0.87 -5.47 20.55
C ARG A 142 0.54 -4.95 20.27
N GLU A 143 1.30 -5.59 19.38
CA GLU A 143 2.61 -5.06 19.03
C GLU A 143 2.50 -3.71 18.34
N THR A 144 1.34 -3.39 17.77
CA THR A 144 1.07 -2.04 17.29
C THR A 144 1.05 -1.04 18.44
N VAL A 145 0.57 -1.46 19.61
CA VAL A 145 0.57 -0.59 20.78
C VAL A 145 2.00 -0.29 21.22
N ASP A 146 2.85 -1.33 21.26
CA ASP A 146 4.26 -1.13 21.55
C ASP A 146 4.89 -0.13 20.60
N ALA A 147 4.67 -0.32 19.29
CA ALA A 147 5.26 0.56 18.29
C ALA A 147 4.80 1.99 18.49
N PHE A 148 3.52 2.20 18.81
CA PHE A 148 3.03 3.56 18.98
C PHE A 148 3.66 4.24 20.19
N ALA A 149 3.88 3.48 21.27
CA ALA A 149 4.52 4.05 22.46
C ALA A 149 5.94 4.46 22.16
N GLU A 150 6.71 3.59 21.51
CA GLU A 150 8.03 3.97 21.03
C GLU A 150 7.95 5.19 20.13
N TYR A 151 6.98 5.22 19.22
CA TYR A 151 6.81 6.35 18.31
C TYR A 151 6.51 7.63 19.08
N ALA A 152 5.57 7.56 20.03
CA ALA A 152 5.26 8.73 20.84
C ALA A 152 6.48 9.19 21.62
N ARG A 153 7.25 8.25 22.16
CA ARG A 153 8.48 8.61 22.87
C ARG A 153 9.40 9.42 21.96
N VAL A 154 9.71 8.89 20.77
CA VAL A 154 10.63 9.56 19.85
C VAL A 154 10.19 11.00 19.61
N CYS A 155 8.89 11.22 19.41
CA CYS A 155 8.42 12.57 19.13
C CYS A 155 8.61 13.50 20.33
N PHE A 156 8.33 13.01 21.53
CA PHE A 156 8.52 13.83 22.72
C PHE A 156 9.98 14.20 22.92
N GLU A 157 10.89 13.25 22.72
CA GLU A 157 12.30 13.50 23.01
C GLU A 157 12.90 14.53 22.05
N ARG A 158 12.53 14.48 20.77
N ARG A 158 12.51 14.46 20.78
CA ARG A 158 13.19 15.35 19.80
CA ARG A 158 13.09 15.25 19.70
C ARG A 158 12.40 16.61 19.48
C ARG A 158 12.40 16.60 19.52
N PHE A 159 11.10 16.66 19.80
CA PHE A 159 10.31 17.85 19.54
C PHE A 159 9.73 18.48 20.79
N GLY A 160 9.82 17.82 21.94
CA GLY A 160 9.09 18.29 23.10
C GLY A 160 9.66 19.55 23.72
N ASP A 161 10.94 19.81 23.51
CA ASP A 161 11.53 21.04 24.04
C ASP A 161 10.89 22.27 23.43
N ARG A 162 10.36 22.15 22.22
CA ARG A 162 9.69 23.24 21.53
C ARG A 162 8.18 23.10 21.51
N VAL A 163 7.66 21.88 21.34
CA VAL A 163 6.22 21.63 21.32
C VAL A 163 5.72 21.45 22.74
N LYS A 164 4.61 22.10 23.08
CA LYS A 164 4.04 21.99 24.41
C LYS A 164 2.53 21.72 24.39
N TYR A 165 1.94 21.52 23.22
CA TYR A 165 0.57 21.05 23.10
C TYR A 165 0.57 19.78 22.25
N TRP A 166 0.08 18.68 22.83
CA TRP A 166 0.13 17.38 22.18
C TRP A 166 -1.26 16.76 22.15
N ILE A 167 -1.51 15.99 21.09
CA ILE A 167 -2.72 15.19 20.95
C ILE A 167 -2.30 13.77 20.58
N THR A 168 -2.82 12.78 21.30
CA THR A 168 -2.51 11.40 20.98
C THR A 168 -3.24 10.98 19.70
N PHE A 169 -4.56 10.98 19.71
CA PHE A 169 -5.36 10.47 18.60
C PHE A 169 -6.41 11.48 18.19
N ASN A 170 -6.62 11.59 16.87
CA ASN A 170 -7.71 12.38 16.31
C ASN A 170 -8.90 11.48 16.08
N GLU A 171 -10.02 11.79 16.74
CA GLU A 171 -11.28 11.06 16.65
C GLU A 171 -11.08 9.54 16.62
N PRO A 172 -10.45 8.95 17.63
CA PRO A 172 -10.34 7.48 17.64
C PRO A 172 -11.69 6.80 17.57
N ASN A 173 -12.73 7.42 18.13
CA ASN A 173 -14.08 6.86 18.05
C ASN A 173 -14.54 6.76 16.60
N VAL A 174 -14.18 7.74 15.77
CA VAL A 174 -14.66 7.77 14.39
C VAL A 174 -13.89 6.76 13.53
N PHE A 175 -12.57 6.67 13.73
CA PHE A 175 -11.77 5.74 12.94
C PHE A 175 -12.17 4.30 13.22
N ALA A 176 -12.48 3.98 14.48
CA ALA A 176 -12.90 2.63 14.82
C ALA A 176 -14.19 2.27 14.10
N VAL A 177 -15.11 3.23 13.97
CA VAL A 177 -16.38 2.96 13.29
C VAL A 177 -16.16 2.80 11.79
N LEU A 178 -15.55 3.80 11.17
CA LEU A 178 -15.42 3.79 9.71
C LEU A 178 -14.40 2.78 9.21
N GLY A 179 -13.44 2.38 10.04
CA GLY A 179 -12.41 1.46 9.60
C GLY A 179 -12.73 0.01 9.89
N TYR A 180 -13.52 -0.25 10.93
CA TYR A 180 -13.80 -1.61 11.36
C TYR A 180 -15.28 -1.95 11.40
N LEU A 181 -16.18 -0.97 11.39
CA LEU A 181 -17.62 -1.25 11.39
C LEU A 181 -18.24 -1.07 10.02
N SER A 182 -18.22 0.16 9.49
CA SER A 182 -18.79 0.39 8.17
C SER A 182 -17.84 -0.02 7.06
N GLY A 183 -16.54 0.05 7.30
CA GLY A 183 -15.55 -0.37 6.32
C GLY A 183 -15.25 0.63 5.24
N VAL A 184 -15.76 1.87 5.34
CA VAL A 184 -15.51 2.86 4.30
C VAL A 184 -14.14 3.50 4.40
N HIS A 185 -13.42 3.25 5.49
CA HIS A 185 -12.04 3.70 5.69
C HIS A 185 -11.15 2.48 5.88
N PRO A 186 -9.83 2.61 5.68
CA PRO A 186 -8.94 1.47 5.94
C PRO A 186 -8.91 1.16 7.42
N PRO A 187 -8.69 -0.11 7.80
CA PRO A 187 -8.45 -1.27 6.92
C PRO A 187 -9.70 -1.90 6.30
N GLY A 188 -10.79 -1.14 6.24
CA GLY A 188 -11.93 -1.49 5.43
C GLY A 188 -12.67 -2.76 5.80
N MET A 189 -12.76 -3.08 7.08
CA MET A 189 -13.47 -4.27 7.52
C MET A 189 -14.79 -3.90 8.18
N LYS A 190 -15.66 -4.91 8.32
CA LYS A 190 -17.00 -4.74 8.89
C LYS A 190 -17.22 -5.92 9.85
N ASP A 191 -16.74 -5.76 11.09
CA ASP A 191 -16.81 -6.83 12.08
C ASP A 191 -16.72 -6.17 13.45
N LEU A 192 -17.80 -6.28 14.23
CA LEU A 192 -17.85 -5.58 15.52
C LEU A 192 -16.83 -6.12 16.51
N LYS A 193 -16.54 -7.43 16.47
CA LYS A 193 -15.52 -7.98 17.36
C LYS A 193 -14.15 -7.40 17.03
N LYS A 194 -13.85 -7.22 15.74
CA LYS A 194 -12.61 -6.57 15.36
C LYS A 194 -12.58 -5.12 15.83
N ALA A 195 -13.71 -4.41 15.68
CA ALA A 195 -13.78 -3.03 16.12
C ALA A 195 -13.54 -2.90 17.61
N PHE A 196 -14.05 -3.85 18.40
CA PHE A 196 -13.84 -3.82 19.84
C PHE A 196 -12.35 -4.00 20.17
N ARG A 197 -11.71 -5.00 19.57
CA ARG A 197 -10.29 -5.22 19.84
CA ARG A 197 -10.29 -5.23 19.82
C ARG A 197 -9.45 -4.04 19.37
N ALA A 198 -9.76 -3.48 18.20
CA ALA A 198 -9.03 -2.32 17.73
C ALA A 198 -9.23 -1.14 18.67
N ALA A 199 -10.47 -0.90 19.09
CA ALA A 199 -10.74 0.20 20.02
C ALA A 199 -10.02 0.00 21.35
N HIS A 200 -10.00 -1.23 21.85
CA HIS A 200 -9.36 -1.50 23.13
C HIS A 200 -7.87 -1.14 23.08
N ASN A 201 -7.17 -1.61 22.06
CA ASN A 201 -5.75 -1.33 21.96
C ASN A 201 -5.48 0.14 21.64
N LEU A 202 -6.43 0.81 20.97
CA LEU A 202 -6.32 2.26 20.81
C LEU A 202 -6.32 2.95 22.17
N LEU A 203 -7.21 2.52 23.07
CA LEU A 203 -7.22 3.08 24.42
C LEU A 203 -5.92 2.79 25.15
N LEU A 204 -5.40 1.57 25.02
CA LEU A 204 -4.14 1.23 25.68
C LEU A 204 -2.99 2.04 25.10
N ALA A 205 -2.92 2.14 23.77
CA ALA A 205 -1.87 2.92 23.14
C ALA A 205 -1.96 4.39 23.55
N HIS A 206 -3.17 4.91 23.67
CA HIS A 206 -3.34 6.28 24.19
C HIS A 206 -2.78 6.39 25.60
N ALA A 207 -3.14 5.44 26.47
CA ALA A 207 -2.75 5.53 27.88
C ALA A 207 -1.24 5.44 28.05
N ARG A 208 -0.60 4.53 27.33
CA ARG A 208 0.84 4.36 27.48
C ARG A 208 1.62 5.52 26.87
N ALA A 209 1.05 6.18 25.85
CA ALA A 209 1.69 7.38 25.32
C ALA A 209 1.52 8.56 26.28
N VAL A 210 0.32 8.70 26.87
CA VAL A 210 0.09 9.73 27.87
C VAL A 210 1.03 9.55 29.05
N LYS A 211 1.19 8.30 29.50
N LYS A 211 1.24 8.30 29.47
CA LYS A 211 2.10 8.02 30.60
CA LYS A 211 2.11 8.07 30.62
C LYS A 211 3.53 8.37 30.23
C LYS A 211 3.57 8.31 30.26
N ALA A 212 3.98 7.95 29.04
CA ALA A 212 5.35 8.23 28.61
C ALA A 212 5.62 9.72 28.54
N TYR A 213 4.61 10.52 28.21
CA TYR A 213 4.77 11.96 28.22
C TYR A 213 4.98 12.49 29.64
N ARG A 214 4.11 12.08 30.57
CA ARG A 214 4.28 12.50 31.94
C ARG A 214 5.57 11.97 32.54
N GLU A 215 6.10 10.88 31.99
N GLU A 215 6.10 10.88 31.97
CA GLU A 215 7.31 10.28 32.58
CA GLU A 215 7.31 10.26 32.55
C GLU A 215 8.57 11.06 32.27
C GLU A 215 8.55 11.11 32.31
N ILE A 216 8.56 11.96 31.27
CA ILE A 216 9.67 12.88 31.04
C ILE A 216 9.22 14.31 30.91
N SER A 217 8.03 14.65 31.45
CA SER A 217 7.87 15.80 32.33
C SER A 217 8.07 17.13 31.60
N GLN A 218 7.29 17.34 30.56
CA GLN A 218 7.46 18.63 29.91
C GLN A 218 6.44 19.62 30.45
N ASN A 219 6.79 20.90 30.40
CA ASN A 219 5.86 21.90 30.87
C ASN A 219 4.62 21.98 30.02
N GLY A 220 4.54 21.21 28.93
CA GLY A 220 3.39 21.23 28.05
C GLY A 220 2.28 20.30 28.52
N GLN A 221 1.20 20.31 27.74
CA GLN A 221 0.01 19.54 28.03
C GLN A 221 -0.26 18.53 26.92
N ILE A 222 -1.13 17.57 27.20
CA ILE A 222 -1.48 16.52 26.25
C ILE A 222 -2.93 16.10 26.51
N GLY A 223 -3.64 15.79 25.43
CA GLY A 223 -5.04 15.40 25.52
C GLY A 223 -5.44 14.50 24.37
N ILE A 224 -6.74 14.51 24.07
CA ILE A 224 -7.34 13.72 22.99
C ILE A 224 -8.38 14.60 22.30
N THR A 225 -8.76 14.22 21.08
CA THR A 225 -9.83 14.91 20.37
C THR A 225 -10.91 13.93 19.93
N LEU A 226 -12.16 14.35 20.07
CA LEU A 226 -13.31 13.55 19.72
C LEU A 226 -14.32 14.41 18.98
N ASN A 227 -15.09 13.77 18.10
CA ASN A 227 -16.32 14.32 17.53
C ASN A 227 -17.48 13.56 18.16
N LEU A 228 -18.33 14.27 18.90
CA LEU A 228 -19.31 13.61 19.76
C LEU A 228 -20.68 13.43 19.11
N SER A 229 -20.89 13.98 17.92
CA SER A 229 -22.06 13.64 17.11
C SER A 229 -21.65 13.66 15.65
N PRO A 230 -20.88 12.67 15.21
CA PRO A 230 -20.42 12.64 13.83
C PRO A 230 -21.51 12.10 12.90
N VAL A 231 -21.37 12.46 11.63
CA VAL A 231 -22.23 11.96 10.57
C VAL A 231 -21.40 11.04 9.68
N TYR A 232 -21.94 9.86 9.38
CA TYR A 232 -21.25 8.89 8.56
C TYR A 232 -21.85 8.83 7.15
N PRO A 233 -21.03 8.62 6.12
CA PRO A 233 -21.50 8.55 4.73
C PRO A 233 -22.52 7.45 4.50
N GLU A 284 -5.96 -8.68 30.48
CA GLU A 284 -7.37 -8.36 30.63
C GLU A 284 -7.56 -7.26 31.66
N ILE A 285 -7.33 -7.67 32.91
CA ILE A 285 -7.50 -6.81 34.07
C ILE A 285 -6.45 -5.70 34.10
N THR A 286 -5.20 -6.05 33.77
CA THR A 286 -4.11 -5.09 33.86
C THR A 286 -4.28 -3.95 32.86
N ASP A 287 -4.82 -4.25 31.68
CA ASP A 287 -5.06 -3.20 30.69
C ASP A 287 -6.09 -2.21 31.17
N GLU A 288 -7.17 -2.70 31.79
CA GLU A 288 -8.23 -1.81 32.26
C GLU A 288 -7.69 -0.77 33.24
N MET A 289 -6.82 -1.19 34.16
CA MET A 289 -6.23 -0.24 35.10
C MET A 289 -5.31 0.74 34.39
N GLU A 290 -4.51 0.24 33.44
CA GLU A 290 -3.64 1.11 32.66
C GLU A 290 -4.44 2.19 31.94
N ILE A 291 -5.61 1.83 31.40
CA ILE A 291 -6.39 2.77 30.62
C ILE A 291 -6.89 3.91 31.49
N LEU A 292 -7.42 3.58 32.67
CA LEU A 292 -8.12 4.57 33.47
C LEU A 292 -7.17 5.45 34.28
N SER A 293 -5.88 5.14 34.30
CA SER A 293 -4.88 5.97 34.95
C SER A 293 -4.33 7.03 34.02
N ALA A 294 -4.95 7.26 32.87
CA ALA A 294 -4.47 8.19 31.85
C ALA A 294 -5.37 9.42 31.85
N SER A 295 -5.21 10.26 32.86
CA SER A 295 -6.00 11.48 32.97
C SER A 295 -5.44 12.56 32.06
N LEU A 296 -6.34 13.40 31.55
CA LEU A 296 -6.04 14.35 30.50
C LEU A 296 -5.72 15.73 31.06
N ASP A 297 -5.08 16.55 30.21
CA ASP A 297 -4.89 17.97 30.48
C ASP A 297 -5.93 18.85 29.80
N PHE A 298 -6.46 18.41 28.66
CA PHE A 298 -7.51 19.11 27.94
C PHE A 298 -8.24 18.10 27.07
N ILE A 299 -9.43 18.49 26.61
CA ILE A 299 -10.17 17.71 25.63
C ILE A 299 -10.35 18.53 24.37
N GLY A 300 -10.03 17.94 23.23
CA GLY A 300 -10.23 18.57 21.94
C GLY A 300 -11.56 18.15 21.36
N LEU A 301 -12.34 19.14 20.93
CA LEU A 301 -13.66 18.90 20.37
C LEU A 301 -13.67 19.24 18.89
N ASN A 302 -14.12 18.29 18.07
CA ASN A 302 -14.32 18.48 16.65
C ASN A 302 -15.82 18.57 16.41
N TYR A 303 -16.30 19.75 16.03
CA TYR A 303 -17.71 19.96 15.73
C TYR A 303 -17.88 20.38 14.28
N TYR A 304 -18.82 19.74 13.60
CA TYR A 304 -19.15 20.09 12.22
C TYR A 304 -20.66 20.27 12.09
N THR A 305 -21.41 19.32 12.64
CA THR A 305 -22.86 19.38 12.67
C THR A 305 -23.34 18.44 13.78
N SER A 306 -24.64 18.19 13.81
CA SER A 306 -25.22 17.22 14.75
C SER A 306 -26.04 16.21 13.97
N ASN A 307 -25.77 14.93 14.18
CA ASN A 307 -26.46 13.87 13.45
C ASN A 307 -27.92 13.71 13.87
N LEU A 308 -28.43 14.58 14.75
CA LEU A 308 -29.82 14.51 15.19
C LEU A 308 -30.74 15.40 14.37
N VAL A 309 -30.20 16.26 13.52
CA VAL A 309 -31.02 17.11 12.65
C VAL A 309 -31.01 16.59 11.23
N PRO A 322 -38.68 17.35 11.30
CA PRO A 322 -37.34 17.91 11.49
C PRO A 322 -37.23 19.36 11.01
N PRO A 323 -36.24 20.10 11.52
CA PRO A 323 -36.08 21.49 11.11
C PRO A 323 -35.44 21.60 9.73
N ASP A 324 -36.01 22.43 8.88
CA ASP A 324 -35.51 22.65 7.52
C ASP A 324 -34.31 23.58 7.59
N LEU A 325 -33.10 23.01 7.57
CA LEU A 325 -31.87 23.75 7.72
C LEU A 325 -31.08 23.80 6.41
N PRO A 326 -30.29 24.84 6.18
CA PRO A 326 -29.35 24.81 5.06
C PRO A 326 -28.34 23.69 5.22
N ARG A 327 -27.81 23.21 4.10
CA ARG A 327 -26.87 22.11 4.07
CA ARG A 327 -26.86 22.12 4.10
C ARG A 327 -25.55 22.56 3.45
N THR A 328 -24.46 21.97 3.91
CA THR A 328 -23.14 22.25 3.36
C THR A 328 -22.94 21.47 2.06
N ASP A 329 -21.74 21.56 1.49
CA ASP A 329 -21.39 20.77 0.34
C ASP A 329 -21.17 19.30 0.68
N MET A 330 -21.14 18.95 1.98
CA MET A 330 -21.13 17.57 2.42
C MET A 330 -22.53 16.98 2.53
N GLY A 331 -23.56 17.81 2.46
CA GLY A 331 -24.90 17.42 2.87
C GLY A 331 -25.20 17.65 4.33
N TRP A 332 -24.24 18.17 5.09
CA TRP A 332 -24.39 18.34 6.52
C TRP A 332 -25.19 19.61 6.83
N GLU A 333 -26.19 19.47 7.69
CA GLU A 333 -26.98 20.62 8.12
C GLU A 333 -26.13 21.53 9.01
N ILE A 334 -26.30 22.84 8.84
CA ILE A 334 -25.57 23.82 9.63
C ILE A 334 -26.38 24.15 10.87
N TYR A 335 -25.81 23.88 12.05
CA TYR A 335 -26.56 23.88 13.30
C TYR A 335 -25.62 24.32 14.43
N PRO A 336 -25.30 25.62 14.49
CA PRO A 336 -24.29 26.08 15.46
C PRO A 336 -24.75 25.98 16.90
N GLU A 337 -26.06 26.04 17.16
CA GLU A 337 -26.55 25.94 18.52
C GLU A 337 -26.21 24.58 19.14
N GLY A 338 -26.05 23.55 18.31
CA GLY A 338 -25.60 22.28 18.83
C GLY A 338 -24.20 22.35 19.41
N LEU A 339 -23.34 23.17 18.81
CA LEU A 339 -22.04 23.41 19.43
C LEU A 339 -22.20 24.03 20.81
N TYR A 340 -23.04 25.07 20.92
CA TYR A 340 -23.24 25.73 22.20
C TYR A 340 -23.67 24.75 23.28
N ASP A 341 -24.68 23.92 23.01
CA ASP A 341 -25.14 22.94 24.00
C ASP A 341 -24.03 21.96 24.35
N LEU A 342 -23.36 21.40 23.34
CA LEU A 342 -22.28 20.45 23.58
C LEU A 342 -21.22 21.05 24.50
N LEU A 343 -20.80 22.29 24.22
CA LEU A 343 -19.87 22.97 25.13
C LEU A 343 -20.42 23.02 26.54
N LYS A 344 -21.71 23.31 26.67
CA LYS A 344 -22.32 23.33 28.00
C LYS A 344 -22.32 21.94 28.63
N ARG A 345 -22.69 20.92 27.86
CA ARG A 345 -22.79 19.58 28.43
CA ARG A 345 -22.78 19.55 28.39
C ARG A 345 -21.46 19.10 28.99
N ILE A 346 -20.35 19.41 28.31
CA ILE A 346 -19.04 19.00 28.80
C ILE A 346 -18.64 19.82 30.01
N HIS A 347 -19.03 21.10 30.04
CA HIS A 347 -18.71 21.95 31.19
C HIS A 347 -19.39 21.46 32.46
N GLU A 348 -20.64 20.98 32.35
CA GLU A 348 -21.34 20.49 33.52
C GLU A 348 -20.80 19.13 33.96
N LYS A 349 -20.54 18.23 33.01
CA LYS A 349 -20.07 16.90 33.37
C LYS A 349 -18.61 16.95 33.82
N TYR A 350 -17.76 17.69 33.11
CA TYR A 350 -16.32 17.69 33.34
C TYR A 350 -15.81 19.12 33.46
N ASN A 351 -14.59 19.26 33.97
CA ASN A 351 -14.05 20.57 34.33
C ASN A 351 -12.75 20.91 33.59
N LEU A 352 -12.33 20.08 32.64
CA LEU A 352 -11.06 20.28 31.98
C LEU A 352 -11.12 21.43 30.97
N PRO A 353 -9.98 21.99 30.59
CA PRO A 353 -9.96 22.97 29.49
C PRO A 353 -10.44 22.33 28.20
N ILE A 354 -11.06 23.16 27.36
CA ILE A 354 -11.62 22.72 26.08
C ILE A 354 -11.00 23.54 24.96
N TYR A 355 -10.51 22.85 23.93
CA TYR A 355 -10.06 23.48 22.70
C TYR A 355 -10.94 22.98 21.57
N ILE A 356 -11.49 23.90 20.78
CA ILE A 356 -12.23 23.51 19.58
C ILE A 356 -11.17 23.17 18.55
N THR A 357 -10.77 21.90 18.50
CA THR A 357 -9.66 21.49 17.67
C THR A 357 -10.03 21.39 16.19
N GLU A 358 -11.33 21.33 15.88
CA GLU A 358 -11.79 21.33 14.49
C GLU A 358 -13.17 21.97 14.43
N ASN A 359 -13.35 22.85 13.46
CA ASN A 359 -14.67 23.41 13.14
C ASN A 359 -14.56 24.05 11.75
N GLY A 360 -15.42 23.62 10.83
CA GLY A 360 -15.30 24.12 9.47
C GLY A 360 -16.46 23.69 8.61
N MET A 361 -16.34 24.03 7.32
CA MET A 361 -17.41 23.82 6.36
C MET A 361 -16.81 23.59 4.98
N ALA A 362 -17.35 22.60 4.27
CA ALA A 362 -16.97 22.35 2.88
C ALA A 362 -17.88 23.15 1.96
N VAL A 363 -17.27 23.84 0.99
CA VAL A 363 -18.00 24.69 0.05
C VAL A 363 -17.54 24.35 -1.36
N ASP A 364 -18.46 24.41 -2.32
CA ASP A 364 -18.10 24.29 -3.72
C ASP A 364 -17.36 25.54 -4.17
N ASP A 365 -16.10 25.68 -3.73
CA ASP A 365 -15.35 26.90 -3.94
C ASP A 365 -14.76 26.97 -5.35
N GLU A 366 -14.78 28.16 -5.93
CA GLU A 366 -14.28 28.40 -7.28
C GLU A 366 -13.38 29.61 -7.27
N VAL A 367 -12.18 29.48 -7.83
CA VAL A 367 -11.33 30.64 -8.06
C VAL A 367 -11.85 31.35 -9.29
N GLU A 368 -12.31 32.61 -9.12
N GLU A 368 -12.09 32.63 -9.11
CA GLU A 368 -12.94 33.34 -10.23
CA GLU A 368 -12.86 33.50 -9.96
C GLU A 368 -11.96 34.27 -10.95
C GLU A 368 -11.94 34.27 -10.88
N ASP A 369 -11.83 35.53 -10.53
CA ASP A 369 -10.84 36.45 -11.09
C ASP A 369 -9.66 36.53 -10.13
N GLY A 370 -9.12 35.36 -9.81
CA GLY A 370 -8.08 35.25 -8.82
C GLY A 370 -8.56 35.25 -7.38
N ALA A 371 -9.87 35.24 -7.15
CA ALA A 371 -10.43 35.31 -5.81
C ALA A 371 -11.48 34.22 -5.63
N VAL A 372 -11.73 33.86 -4.38
CA VAL A 372 -12.80 32.93 -4.04
C VAL A 372 -13.64 33.62 -2.96
N HIS A 373 -14.89 33.95 -3.29
CA HIS A 373 -15.76 34.69 -2.37
C HIS A 373 -16.64 33.69 -1.62
N ASP A 374 -16.05 33.08 -0.59
CA ASP A 374 -16.72 32.04 0.18
C ASP A 374 -17.37 32.66 1.43
N THR A 375 -18.37 33.51 1.18
CA THR A 375 -19.09 34.12 2.29
C THR A 375 -19.92 33.09 3.06
N ASN A 376 -20.24 31.95 2.43
CA ASN A 376 -20.87 30.84 3.15
C ASN A 376 -20.01 30.43 4.34
N ARG A 377 -18.74 30.12 4.08
CA ARG A 377 -17.82 29.72 5.13
C ARG A 377 -17.65 30.81 6.18
N ILE A 378 -17.78 32.07 5.77
CA ILE A 378 -17.69 33.18 6.71
C ILE A 378 -18.76 33.08 7.77
N ASP A 379 -20.02 32.98 7.35
CA ASP A 379 -21.13 33.00 8.29
C ASP A 379 -21.22 31.70 9.10
N TYR A 380 -20.78 30.58 8.53
CA TYR A 380 -20.69 29.36 9.32
C TYR A 380 -19.76 29.56 10.51
N LEU A 381 -18.53 30.01 10.25
CA LEU A 381 -17.58 30.25 11.33
C LEU A 381 -18.04 31.40 12.22
N LYS A 382 -18.66 32.42 11.62
CA LYS A 382 -19.20 33.52 12.41
C LYS A 382 -20.24 33.03 13.40
N GLU A 383 -21.22 32.26 12.93
CA GLU A 383 -22.28 31.77 13.81
C GLU A 383 -21.75 30.77 14.84
N HIS A 384 -20.73 29.99 14.47
CA HIS A 384 -20.16 29.05 15.43
C HIS A 384 -19.26 29.75 16.43
N LEU A 385 -18.61 30.84 16.03
CA LEU A 385 -17.85 31.62 17.00
C LEU A 385 -18.75 32.45 17.90
N GLU A 386 -20.01 32.66 17.51
CA GLU A 386 -20.99 33.21 18.45
C GLU A 386 -21.33 32.17 19.51
N ALA A 387 -21.61 30.94 19.09
CA ALA A 387 -21.97 29.88 20.02
C ALA A 387 -20.87 29.64 21.05
N VAL A 388 -19.62 29.58 20.61
CA VAL A 388 -18.54 29.42 21.58
C VAL A 388 -18.50 30.62 22.52
N HIS A 389 -18.74 31.82 21.99
CA HIS A 389 -18.71 33.01 22.84
C HIS A 389 -19.81 32.98 23.89
N LYS A 390 -21.02 32.60 23.49
N LYS A 390 -21.02 32.60 23.49
CA LYS A 390 -22.11 32.46 24.47
CA LYS A 390 -22.11 32.47 24.46
C LYS A 390 -21.75 31.45 25.55
C LYS A 390 -21.77 31.45 25.54
N ALA A 391 -21.03 30.40 25.18
CA ALA A 391 -20.64 29.39 26.17
C ALA A 391 -19.63 29.93 27.15
N ILE A 392 -18.56 30.57 26.65
CA ILE A 392 -17.56 31.16 27.54
C ILE A 392 -18.20 32.21 28.43
N GLU A 393 -19.24 32.89 27.94
CA GLU A 393 -19.95 33.86 28.77
C GLU A 393 -20.60 33.20 29.97
N GLU A 394 -20.89 31.90 29.87
CA GLU A 394 -21.53 31.16 30.94
C GLU A 394 -20.56 30.23 31.66
N GLY A 395 -19.25 30.48 31.55
CA GLY A 395 -18.26 29.85 32.39
C GLY A 395 -17.53 28.67 31.77
N VAL A 396 -17.97 28.17 30.62
CA VAL A 396 -17.26 27.07 29.97
C VAL A 396 -15.87 27.53 29.58
N ASN A 397 -14.86 26.72 29.89
CA ASN A 397 -13.47 27.14 29.73
C ASN A 397 -12.92 26.73 28.36
N VAL A 398 -13.54 27.29 27.32
CA VAL A 398 -12.97 27.19 25.98
C VAL A 398 -11.69 28.02 25.95
N ARG A 399 -10.57 27.38 25.61
CA ARG A 399 -9.27 28.04 25.64
C ARG A 399 -8.63 28.20 24.27
N GLY A 400 -9.31 27.81 23.20
CA GLY A 400 -8.73 27.91 21.88
C GLY A 400 -9.71 27.49 20.82
N TYR A 401 -9.35 27.78 19.57
CA TYR A 401 -10.23 27.54 18.44
C TYR A 401 -9.39 27.33 17.18
N PHE A 402 -9.62 26.22 16.49
CA PHE A 402 -8.89 25.88 15.27
C PHE A 402 -9.89 25.63 14.14
N VAL A 403 -9.75 26.38 13.05
CA VAL A 403 -10.58 26.16 11.87
C VAL A 403 -10.03 24.96 11.10
N TRP A 404 -10.92 24.06 10.71
CA TRP A 404 -10.60 23.07 9.69
C TRP A 404 -11.17 23.54 8.36
N SER A 405 -10.30 23.82 7.39
CA SER A 405 -8.86 23.63 7.55
C SER A 405 -8.10 24.87 7.09
N LEU A 406 -6.78 24.85 7.29
CA LEU A 406 -5.95 25.96 6.81
C LEU A 406 -6.01 26.07 5.29
N MET A 407 -5.95 24.93 4.60
CA MET A 407 -5.94 24.90 3.15
C MET A 407 -6.76 23.69 2.68
N ASP A 408 -7.33 23.82 1.48
CA ASP A 408 -7.96 22.67 0.83
C ASP A 408 -6.97 21.52 0.76
N ASN A 409 -7.47 20.30 0.88
CA ASN A 409 -6.58 19.15 1.02
C ASN A 409 -7.32 17.88 0.62
N PHE A 410 -6.62 16.75 0.75
CA PHE A 410 -7.14 15.43 0.46
C PHE A 410 -8.05 15.01 1.60
N GLU A 411 -9.36 15.04 1.37
CA GLU A 411 -10.34 14.76 2.42
C GLU A 411 -10.77 13.29 2.40
N TRP A 412 -9.79 12.43 2.66
CA TRP A 412 -9.99 10.99 2.87
C TRP A 412 -10.74 10.41 1.67
N ALA A 413 -11.82 9.65 1.88
CA ALA A 413 -12.50 8.99 0.77
C ALA A 413 -13.20 9.98 -0.17
N ASN A 414 -13.37 11.23 0.24
CA ASN A 414 -13.90 12.25 -0.66
C ASN A 414 -12.83 12.82 -1.58
N GLY A 415 -11.57 12.47 -1.37
CA GLY A 415 -10.51 12.98 -2.22
C GLY A 415 -10.43 14.49 -2.16
N TYR A 416 -10.20 15.11 -3.31
CA TYR A 416 -10.06 16.55 -3.41
C TYR A 416 -11.36 17.24 -3.80
N SER A 417 -12.47 16.51 -3.83
CA SER A 417 -13.76 17.08 -4.20
C SER A 417 -14.40 17.87 -3.07
N LYS A 418 -13.78 17.90 -1.89
CA LYS A 418 -14.32 18.61 -0.73
C LYS A 418 -13.27 19.60 -0.23
N ARG A 419 -13.62 20.89 -0.27
CA ARG A 419 -12.70 21.95 0.09
C ARG A 419 -13.13 22.59 1.40
N PHE A 420 -12.29 22.44 2.44
CA PHE A 420 -12.55 23.00 3.76
C PHE A 420 -11.64 24.19 4.08
N GLY A 421 -10.71 24.53 3.20
CA GLY A 421 -9.63 25.42 3.57
C GLY A 421 -10.06 26.87 3.68
N LEU A 422 -9.32 27.62 4.52
CA LEU A 422 -9.33 29.06 4.42
C LEU A 422 -8.53 29.53 3.22
N ILE A 423 -7.70 28.65 2.66
CA ILE A 423 -6.80 28.96 1.56
C ILE A 423 -7.07 27.97 0.44
N TYR A 424 -7.36 28.49 -0.75
CA TYR A 424 -7.62 27.63 -1.90
C TYR A 424 -6.32 27.08 -2.46
N VAL A 425 -6.35 25.80 -2.84
CA VAL A 425 -5.22 25.15 -3.49
C VAL A 425 -5.66 24.69 -4.86
N ASP A 426 -4.94 25.15 -5.89
CA ASP A 426 -5.09 24.62 -7.25
C ASP A 426 -4.08 23.51 -7.41
N TYR A 427 -4.57 22.27 -7.53
CA TYR A 427 -3.68 21.12 -7.50
C TYR A 427 -2.87 20.97 -8.78
N LYS A 428 -3.27 21.64 -9.86
N LYS A 428 -3.26 21.64 -9.87
CA LYS A 428 -2.50 21.61 -11.10
CA LYS A 428 -2.47 21.58 -11.10
C LYS A 428 -1.22 22.43 -10.97
C LYS A 428 -1.20 22.42 -10.97
N THR A 429 -1.29 23.56 -10.28
CA THR A 429 -0.14 24.45 -10.12
C THR A 429 0.38 24.53 -8.69
N GLN A 430 -0.33 23.95 -7.71
CA GLN A 430 -0.04 24.09 -6.29
C GLN A 430 -0.13 25.54 -5.80
N LYS A 431 -0.74 26.41 -6.59
CA LYS A 431 -0.83 27.83 -6.22
C LYS A 431 -1.82 28.01 -5.07
N ARG A 432 -1.38 28.72 -4.04
CA ARG A 432 -2.21 29.03 -2.89
C ARG A 432 -2.91 30.36 -3.12
N THR A 433 -4.23 30.38 -2.93
CA THR A 433 -5.01 31.60 -3.04
C THR A 433 -5.85 31.75 -1.77
N PRO A 434 -5.48 32.64 -0.86
CA PRO A 434 -6.30 32.84 0.35
C PRO A 434 -7.74 33.18 0.00
N LYS A 435 -8.66 32.44 0.61
CA LYS A 435 -10.08 32.69 0.42
C LYS A 435 -10.47 33.96 1.16
N LYS A 436 -11.67 34.46 0.85
CA LYS A 436 -12.16 35.63 1.57
C LYS A 436 -12.28 35.33 3.06
N SER A 437 -12.55 34.06 3.42
CA SER A 437 -12.62 33.71 4.83
C SER A 437 -11.28 33.90 5.52
N ALA A 438 -10.18 33.70 4.79
CA ALA A 438 -8.86 33.94 5.37
C ALA A 438 -8.69 35.40 5.78
N TYR A 439 -9.12 36.32 4.92
CA TYR A 439 -8.98 37.74 5.25
C TYR A 439 -9.89 38.14 6.39
N TRP A 440 -11.09 37.53 6.46
CA TRP A 440 -11.99 37.82 7.56
C TRP A 440 -11.49 37.21 8.88
N TYR A 441 -10.95 35.99 8.80
CA TYR A 441 -10.41 35.36 10.00
C TYR A 441 -9.22 36.15 10.55
N ARG A 442 -8.39 36.70 9.66
CA ARG A 442 -7.26 37.51 10.09
C ARG A 442 -7.73 38.70 10.93
N GLU A 443 -8.85 39.31 10.56
CA GLU A 443 -9.41 40.39 11.35
C GLU A 443 -9.88 39.89 12.72
N VAL A 444 -10.49 38.70 12.75
CA VAL A 444 -11.02 38.16 13.99
C VAL A 444 -9.91 37.95 15.00
N ILE A 445 -8.79 37.39 14.55
CA ILE A 445 -7.62 37.22 15.42
C ILE A 445 -7.11 38.58 15.87
N LYS A 446 -6.97 39.52 14.93
CA LYS A 446 -6.44 40.84 15.23
C LYS A 446 -7.32 41.57 16.24
N SER A 447 -8.64 41.46 16.08
CA SER A 447 -9.59 42.04 17.02
C SER A 447 -9.88 41.14 18.20
N ASN A 448 -9.40 39.90 18.18
CA ASN A 448 -9.70 38.90 19.21
C ASN A 448 -11.20 38.83 19.47
N GLY A 449 -11.97 38.83 18.39
CA GLY A 449 -13.42 38.79 18.55
C GLY A 449 -14.14 39.06 17.23
N LEU A 450 -15.43 39.33 17.37
CA LEU A 450 -16.36 39.39 16.24
C LEU A 450 -17.21 40.66 16.31
N GLU A 451 -17.99 40.85 15.25
CA GLU A 451 -19.05 41.84 15.22
C GLU A 451 -20.36 41.15 14.83
N SER B 8 25.62 -31.03 -35.04
CA SER B 8 24.54 -30.19 -34.55
C SER B 8 23.59 -31.02 -33.68
N LEU B 9 22.87 -30.35 -32.77
CA LEU B 9 22.01 -31.01 -31.80
C LEU B 9 20.58 -30.52 -32.00
N LYS B 10 19.71 -31.39 -32.51
CA LYS B 10 18.36 -31.02 -32.88
C LYS B 10 17.34 -31.51 -31.85
N PHE B 11 16.34 -30.69 -31.59
CA PHE B 11 15.27 -30.90 -30.62
C PHE B 11 14.03 -31.46 -31.31
N PRO B 12 13.05 -31.97 -30.55
CA PRO B 12 11.85 -32.51 -31.20
C PRO B 12 11.15 -31.45 -32.04
N LYS B 13 10.37 -31.92 -33.00
N LYS B 13 10.41 -31.91 -33.04
CA LYS B 13 9.71 -31.01 -33.94
CA LYS B 13 9.78 -31.00 -33.99
C LYS B 13 8.80 -30.02 -33.20
C LYS B 13 8.49 -30.38 -33.47
N ASP B 14 7.98 -30.52 -32.29
N ASP B 14 8.14 -30.64 -32.21
CA ASP B 14 7.00 -29.68 -31.60
CA ASP B 14 7.06 -29.92 -31.53
C ASP B 14 7.56 -28.98 -30.36
C ASP B 14 7.57 -29.19 -30.29
N PHE B 15 8.88 -29.03 -30.17
CA PHE B 15 9.49 -28.45 -28.97
C PHE B 15 9.18 -26.97 -28.85
N LEU B 16 8.77 -26.55 -27.65
CA LEU B 16 8.44 -25.16 -27.41
C LEU B 16 9.71 -24.33 -27.17
N TRP B 17 9.83 -23.23 -27.91
CA TRP B 17 10.89 -22.25 -27.71
C TRP B 17 10.24 -20.94 -27.27
N GLY B 18 10.61 -20.44 -26.10
CA GLY B 18 10.00 -19.22 -25.62
C GLY B 18 10.93 -18.42 -24.75
N ALA B 19 10.38 -17.32 -24.22
CA ALA B 19 11.00 -16.52 -23.18
C ALA B 19 9.95 -16.27 -22.10
N ALA B 20 10.42 -15.85 -20.93
CA ALA B 20 9.53 -15.72 -19.78
C ALA B 20 9.64 -14.33 -19.15
N THR B 21 8.50 -13.87 -18.62
CA THR B 21 8.43 -12.64 -17.85
C THR B 21 7.50 -12.86 -16.66
N ALA B 22 7.31 -11.81 -15.85
CA ALA B 22 6.36 -11.82 -14.75
C ALA B 22 5.70 -10.45 -14.68
N ALA B 23 4.43 -10.42 -14.24
CA ALA B 23 3.61 -9.22 -14.38
C ALA B 23 4.25 -8.01 -13.70
N TYR B 24 4.53 -8.13 -12.40
CA TYR B 24 5.03 -6.96 -11.70
C TYR B 24 6.43 -6.54 -12.18
N GLN B 25 7.16 -7.46 -12.81
CA GLN B 25 8.52 -7.16 -13.24
C GLN B 25 8.56 -6.35 -14.53
N ILE B 26 7.53 -6.41 -15.37
CA ILE B 26 7.55 -5.72 -16.66
C ILE B 26 6.38 -4.79 -16.88
N GLU B 27 5.22 -4.99 -16.22
CA GLU B 27 3.99 -4.37 -16.71
C GLU B 27 3.97 -2.86 -16.52
N GLY B 28 4.32 -2.39 -15.32
CA GLY B 28 4.07 -1.00 -15.04
C GLY B 28 2.58 -0.78 -14.84
N ALA B 29 2.16 0.48 -15.03
CA ALA B 29 0.75 0.86 -14.91
C ALA B 29 0.16 0.39 -13.57
N ALA B 30 0.97 0.52 -12.52
CA ALA B 30 0.64 -0.11 -11.24
C ALA B 30 -0.63 0.47 -10.63
N ASN B 31 -0.86 1.77 -10.82
CA ASN B 31 -2.08 2.40 -10.30
C ASN B 31 -2.89 2.99 -11.44
N GLU B 32 -3.09 2.21 -12.50
CA GLU B 32 -3.90 2.62 -13.64
C GLU B 32 -4.91 1.53 -13.96
N ASP B 33 -5.98 1.94 -14.64
CA ASP B 33 -6.91 1.02 -15.30
C ASP B 33 -7.45 -0.03 -14.32
N GLY B 34 -7.73 0.39 -13.09
CA GLY B 34 -8.39 -0.47 -12.14
C GLY B 34 -7.51 -1.44 -11.37
N ARG B 35 -6.18 -1.33 -11.49
CA ARG B 35 -5.31 -2.24 -10.77
C ARG B 35 -5.20 -1.84 -9.31
N GLY B 36 -5.33 -2.81 -8.41
CA GLY B 36 -5.08 -2.60 -7.01
C GLY B 36 -3.64 -2.93 -6.66
N PRO B 37 -3.20 -2.53 -5.48
CA PRO B 37 -1.79 -2.72 -5.11
C PRO B 37 -1.48 -4.14 -4.65
N SER B 38 -0.28 -4.57 -4.97
CA SER B 38 0.27 -5.84 -4.51
C SER B 38 1.19 -5.61 -3.32
N ILE B 39 1.59 -6.70 -2.67
CA ILE B 39 2.54 -6.59 -1.58
C ILE B 39 3.89 -6.10 -2.07
N TRP B 40 4.16 -6.24 -3.37
CA TRP B 40 5.42 -5.72 -3.90
C TRP B 40 5.35 -4.24 -4.21
N ASP B 41 4.16 -3.71 -4.49
CA ASP B 41 3.98 -2.27 -4.49
C ASP B 41 4.35 -1.69 -3.13
N THR B 42 3.75 -2.23 -2.06
CA THR B 42 4.08 -1.80 -0.71
C THR B 42 5.57 -1.98 -0.42
N PHE B 43 6.11 -3.15 -0.75
CA PHE B 43 7.50 -3.47 -0.44
C PHE B 43 8.45 -2.48 -1.09
N SER B 44 8.26 -2.20 -2.38
CA SER B 44 9.18 -1.34 -3.11
C SER B 44 8.97 0.14 -2.82
N HIS B 45 7.90 0.51 -2.11
CA HIS B 45 7.72 1.86 -1.61
C HIS B 45 8.19 2.01 -0.17
N THR B 46 8.88 1.02 0.37
CA THR B 46 9.44 1.07 1.70
C THR B 46 10.95 1.22 1.61
N PRO B 47 11.54 2.23 2.24
CA PRO B 47 13.00 2.41 2.18
C PRO B 47 13.73 1.20 2.75
N GLY B 48 14.86 0.86 2.12
CA GLY B 48 15.71 -0.21 2.56
C GLY B 48 15.37 -1.58 2.02
N LYS B 49 14.23 -1.74 1.35
CA LYS B 49 13.78 -3.05 0.91
C LYS B 49 14.30 -3.42 -0.47
N VAL B 50 14.39 -2.45 -1.38
CA VAL B 50 14.81 -2.72 -2.75
C VAL B 50 16.02 -1.85 -3.08
N HIS B 51 17.00 -2.45 -3.76
CA HIS B 51 18.20 -1.75 -4.19
C HIS B 51 17.85 -0.43 -4.87
N ASN B 52 18.49 0.65 -4.39
CA ASN B 52 18.36 2.00 -4.95
C ASN B 52 16.94 2.57 -4.87
N GLY B 53 16.07 1.99 -4.06
CA GLY B 53 14.71 2.49 -4.01
C GLY B 53 13.93 2.28 -5.27
N ASP B 54 14.36 1.36 -6.13
CA ASP B 54 13.62 1.02 -7.34
C ASP B 54 12.24 0.48 -6.98
N ASN B 55 11.30 0.64 -7.90
CA ASN B 55 9.97 0.06 -7.75
C ASN B 55 9.43 -0.31 -9.12
N GLY B 56 8.28 -0.97 -9.12
CA GLY B 56 7.66 -1.41 -10.35
C GLY B 56 6.49 -0.55 -10.78
N ASP B 57 6.50 0.74 -10.41
CA ASP B 57 5.44 1.64 -10.86
C ASP B 57 5.37 1.70 -12.38
N VAL B 58 6.53 1.79 -13.04
CA VAL B 58 6.61 1.88 -14.50
C VAL B 58 7.23 0.62 -15.09
N ALA B 59 8.35 0.17 -14.53
CA ALA B 59 9.04 -1.05 -14.97
C ALA B 59 9.35 -0.92 -16.46
N CYS B 60 8.98 -1.90 -17.28
CA CYS B 60 9.21 -1.83 -18.72
C CYS B 60 8.03 -1.20 -19.46
N ASP B 61 7.03 -0.70 -18.73
CA ASP B 61 5.83 -0.11 -19.34
C ASP B 61 5.19 -1.07 -20.34
N HIS B 62 5.35 -2.38 -20.09
CA HIS B 62 4.84 -3.39 -21.01
C HIS B 62 3.33 -3.34 -21.14
N TYR B 63 2.65 -2.83 -20.11
CA TYR B 63 1.20 -2.72 -20.17
C TYR B 63 0.75 -1.83 -21.33
N HIS B 64 1.52 -0.79 -21.63
CA HIS B 64 1.22 0.09 -22.76
C HIS B 64 1.96 -0.28 -24.03
N ARG B 65 3.10 -0.97 -23.92
CA ARG B 65 3.94 -1.28 -25.06
C ARG B 65 3.89 -2.74 -25.46
N TYR B 66 2.79 -3.44 -25.12
CA TYR B 66 2.76 -4.89 -25.33
C TYR B 66 2.81 -5.26 -26.81
N LYS B 67 2.23 -4.43 -27.69
CA LYS B 67 2.21 -4.78 -29.10
C LYS B 67 3.58 -4.65 -29.73
N GLU B 68 4.37 -3.66 -29.33
CA GLU B 68 5.77 -3.62 -29.74
C GLU B 68 6.53 -4.83 -29.20
N ASP B 69 6.23 -5.22 -27.96
CA ASP B 69 6.91 -6.35 -27.36
C ASP B 69 6.54 -7.65 -28.07
N VAL B 70 5.26 -7.81 -28.40
CA VAL B 70 4.84 -9.00 -29.14
C VAL B 70 5.48 -9.02 -30.52
N GLU B 71 5.64 -7.85 -31.14
CA GLU B 71 6.31 -7.82 -32.44
CA GLU B 71 6.33 -7.75 -32.43
C GLU B 71 7.78 -8.18 -32.30
N LEU B 72 8.40 -7.88 -31.16
CA LEU B 72 9.77 -8.33 -30.94
C LEU B 72 9.81 -9.84 -30.75
N MET B 73 8.78 -10.41 -30.12
CA MET B 73 8.73 -11.85 -29.94
C MET B 73 8.66 -12.59 -31.27
N LYS B 74 7.88 -12.06 -32.22
CA LYS B 74 7.78 -12.73 -33.52
C LYS B 74 9.08 -12.58 -34.31
N GLU B 75 9.72 -11.42 -34.23
CA GLU B 75 11.06 -11.29 -34.80
C GLU B 75 12.00 -12.32 -34.21
N LEU B 76 11.87 -12.58 -32.90
CA LEU B 76 12.69 -13.59 -32.24
C LEU B 76 12.36 -14.99 -32.76
N GLY B 77 11.13 -15.21 -33.21
CA GLY B 77 10.70 -16.52 -33.64
C GLY B 77 10.08 -17.37 -32.57
N LEU B 78 9.63 -16.77 -31.47
CA LEU B 78 9.06 -17.54 -30.38
C LEU B 78 7.77 -18.22 -30.83
N ASN B 79 7.57 -19.45 -30.35
CA ASN B 79 6.30 -20.14 -30.49
C ASN B 79 5.54 -20.22 -29.17
N ALA B 80 6.13 -19.74 -28.09
CA ALA B 80 5.50 -19.74 -26.78
C ALA B 80 6.04 -18.55 -26.00
N TYR B 81 5.22 -18.02 -25.10
CA TYR B 81 5.59 -16.88 -24.27
C TYR B 81 5.03 -17.07 -22.88
N ARG B 82 5.90 -17.08 -21.88
CA ARG B 82 5.52 -17.29 -20.48
C ARG B 82 5.36 -15.94 -19.81
N PHE B 83 4.12 -15.63 -19.40
CA PHE B 83 3.86 -14.42 -18.64
C PHE B 83 2.95 -14.75 -17.46
N SER B 84 2.83 -13.78 -16.55
CA SER B 84 2.01 -13.94 -15.37
C SER B 84 0.85 -12.95 -15.43
N ILE B 85 -0.27 -13.36 -14.84
CA ILE B 85 -1.41 -12.47 -14.65
C ILE B 85 -1.30 -11.82 -13.27
N SER B 86 -1.40 -10.50 -13.23
CA SER B 86 -1.38 -9.79 -11.96
C SER B 86 -2.73 -9.95 -11.30
N TRP B 87 -2.78 -10.81 -10.29
CA TRP B 87 -3.97 -10.98 -9.44
C TRP B 87 -4.65 -9.68 -9.06
N PRO B 88 -3.97 -8.65 -8.55
CA PRO B 88 -4.66 -7.39 -8.22
C PRO B 88 -5.04 -6.56 -9.44
N ARG B 89 -4.57 -6.91 -10.65
CA ARG B 89 -5.10 -6.30 -11.85
C ARG B 89 -6.44 -6.94 -12.26
N ILE B 90 -6.68 -8.18 -11.86
CA ILE B 90 -7.98 -8.81 -12.10
C ILE B 90 -8.95 -8.52 -10.97
N LEU B 91 -8.49 -8.64 -9.72
CA LEU B 91 -9.31 -8.35 -8.54
C LEU B 91 -8.50 -7.41 -7.66
N PRO B 92 -8.81 -6.11 -7.67
CA PRO B 92 -7.99 -5.15 -6.94
C PRO B 92 -7.88 -5.44 -5.45
N GLU B 93 -8.82 -6.18 -4.88
CA GLU B 93 -8.78 -6.56 -3.47
C GLU B 93 -8.60 -8.06 -3.28
N GLY B 94 -8.28 -8.80 -4.36
CA GLY B 94 -8.09 -10.23 -4.28
C GLY B 94 -9.35 -11.05 -4.44
N GLU B 95 -10.53 -10.47 -4.15
CA GLU B 95 -11.79 -11.17 -4.32
CA GLU B 95 -11.79 -11.17 -4.29
C GLU B 95 -12.89 -10.14 -4.50
N GLY B 96 -13.99 -10.59 -5.09
CA GLY B 96 -15.13 -9.73 -5.29
C GLY B 96 -15.26 -9.10 -6.67
N LYS B 97 -15.24 -7.78 -6.73
N LYS B 97 -15.23 -7.77 -6.72
CA LYS B 97 -15.45 -7.06 -7.98
CA LYS B 97 -15.44 -7.05 -7.97
C LYS B 97 -14.29 -7.32 -8.94
C LYS B 97 -14.28 -7.33 -8.94
N VAL B 98 -14.63 -7.64 -10.19
CA VAL B 98 -13.65 -7.95 -11.23
C VAL B 98 -13.39 -6.70 -12.05
N ASN B 99 -12.12 -6.46 -12.39
CA ASN B 99 -11.71 -5.30 -13.16
C ASN B 99 -11.83 -5.63 -14.64
N GLN B 100 -12.81 -5.00 -15.32
CA GLN B 100 -13.01 -5.27 -16.74
C GLN B 100 -11.82 -4.83 -17.57
N LYS B 101 -11.21 -3.70 -17.21
N LYS B 101 -11.21 -3.71 -17.21
CA LYS B 101 -10.04 -3.22 -17.94
CA LYS B 101 -10.04 -3.23 -17.95
C LYS B 101 -8.88 -4.21 -17.82
C LYS B 101 -8.86 -4.19 -17.82
N GLY B 102 -8.76 -4.89 -16.69
CA GLY B 102 -7.73 -5.91 -16.55
C GLY B 102 -7.98 -7.10 -17.45
N LEU B 103 -9.24 -7.56 -17.52
CA LEU B 103 -9.59 -8.62 -18.46
C LEU B 103 -9.36 -8.19 -19.89
N ASP B 104 -9.63 -6.93 -20.21
CA ASP B 104 -9.42 -6.43 -21.56
C ASP B 104 -7.95 -6.50 -21.95
N PHE B 105 -7.05 -6.18 -21.02
CA PHE B 105 -5.62 -6.17 -21.33
C PHE B 105 -5.12 -7.56 -21.69
N TYR B 106 -5.36 -8.53 -20.80
CA TYR B 106 -4.85 -9.87 -21.04
C TYR B 106 -5.54 -10.53 -22.23
N ASN B 107 -6.81 -10.19 -22.49
CA ASN B 107 -7.46 -10.65 -23.70
C ASN B 107 -6.75 -10.11 -24.94
N ASN B 108 -6.38 -8.82 -24.91
CA ASN B 108 -5.64 -8.24 -26.02
C ASN B 108 -4.26 -8.88 -26.15
N LEU B 109 -3.60 -9.15 -25.02
CA LEU B 109 -2.28 -9.77 -25.04
C LEU B 109 -2.35 -11.15 -25.67
N ILE B 110 -3.21 -12.02 -25.14
CA ILE B 110 -3.29 -13.40 -25.63
C ILE B 110 -3.67 -13.42 -27.11
N ASP B 111 -4.63 -12.57 -27.51
CA ASP B 111 -5.02 -12.51 -28.92
C ASP B 111 -3.87 -12.04 -29.79
N GLU B 112 -3.09 -11.07 -29.28
CA GLU B 112 -1.92 -10.61 -30.03
C GLU B 112 -0.88 -11.71 -30.16
N LEU B 113 -0.72 -12.53 -29.11
CA LEU B 113 0.25 -13.61 -29.15
C LEU B 113 -0.15 -14.66 -30.19
N LEU B 114 -1.41 -15.10 -30.16
CA LEU B 114 -1.84 -16.18 -31.04
C LEU B 114 -1.87 -15.74 -32.51
N GLU B 115 -2.16 -14.47 -32.77
CA GLU B 115 -2.12 -13.97 -34.15
C GLU B 115 -0.71 -13.99 -34.71
N ASN B 116 0.31 -13.99 -33.85
CA ASN B 116 1.71 -14.11 -34.28
C ASN B 116 2.26 -15.50 -34.04
N GLY B 117 1.39 -16.50 -33.86
CA GLY B 117 1.83 -17.87 -33.71
C GLY B 117 2.55 -18.18 -32.42
N ILE B 118 2.22 -17.48 -31.34
CA ILE B 118 2.92 -17.63 -30.06
C ILE B 118 1.92 -18.16 -29.04
N GLU B 119 2.27 -19.27 -28.39
CA GLU B 119 1.37 -19.98 -27.50
C GLU B 119 1.50 -19.43 -26.08
N PRO B 120 0.43 -18.93 -25.48
CA PRO B 120 0.52 -18.43 -24.10
C PRO B 120 0.82 -19.54 -23.10
N PHE B 121 1.60 -19.18 -22.08
CA PHE B 121 2.02 -20.10 -21.02
C PHE B 121 1.90 -19.30 -19.71
N VAL B 122 0.70 -19.32 -19.13
CA VAL B 122 0.29 -18.32 -18.15
C VAL B 122 0.50 -18.84 -16.73
N THR B 123 1.09 -17.99 -15.89
CA THR B 123 1.25 -18.26 -14.46
C THR B 123 0.24 -17.44 -13.69
N LEU B 124 -0.50 -18.10 -12.78
CA LEU B 124 -1.52 -17.40 -12.00
C LEU B 124 -0.88 -16.53 -10.92
N TYR B 125 0.04 -17.10 -10.15
CA TYR B 125 0.64 -16.42 -9.01
C TYR B 125 2.15 -16.34 -9.21
N HIS B 126 2.65 -15.14 -9.48
CA HIS B 126 4.09 -14.91 -9.54
C HIS B 126 4.47 -13.82 -8.54
N TRP B 127 4.11 -14.02 -7.28
CA TRP B 127 4.57 -13.31 -6.08
C TRP B 127 3.87 -11.98 -5.81
N ASP B 128 2.83 -11.60 -6.56
CA ASP B 128 2.17 -10.32 -6.36
C ASP B 128 0.81 -10.53 -5.68
N LEU B 129 0.86 -10.87 -4.40
CA LEU B 129 -0.36 -11.03 -3.62
C LEU B 129 -1.04 -9.68 -3.45
N PRO B 130 -2.34 -9.58 -3.71
CA PRO B 130 -3.07 -8.33 -3.44
C PRO B 130 -2.87 -7.88 -2.01
N GLN B 131 -2.51 -6.60 -1.86
CA GLN B 131 -2.21 -6.05 -0.54
C GLN B 131 -3.43 -6.12 0.38
N ALA B 132 -4.64 -6.09 -0.19
CA ALA B 132 -5.84 -6.16 0.64
C ALA B 132 -5.88 -7.46 1.44
N LEU B 133 -5.44 -8.58 0.84
CA LEU B 133 -5.46 -9.85 1.55
C LEU B 133 -4.30 -9.95 2.55
N GLN B 134 -3.18 -9.31 2.26
CA GLN B 134 -2.11 -9.24 3.27
C GLN B 134 -2.57 -8.51 4.52
N ASP B 135 -3.46 -7.53 4.36
CA ASP B 135 -3.98 -6.81 5.52
C ASP B 135 -4.72 -7.74 6.47
N LYS B 136 -5.25 -8.85 5.97
CA LYS B 136 -5.98 -9.82 6.77
C LYS B 136 -5.12 -11.02 7.17
N GLY B 137 -3.81 -10.95 6.93
CA GLY B 137 -2.90 -12.04 7.24
C GLY B 137 -2.25 -12.70 6.05
N GLY B 138 -2.73 -12.44 4.84
CA GLY B 138 -2.10 -13.00 3.66
C GLY B 138 -2.18 -14.51 3.64
N TRP B 139 -1.05 -15.16 3.37
CA TRP B 139 -1.02 -16.61 3.23
C TRP B 139 -1.08 -17.34 4.56
N GLU B 140 -1.03 -16.63 5.68
CA GLU B 140 -1.32 -17.26 6.97
C GLU B 140 -2.82 -17.40 7.22
N ASN B 141 -3.65 -16.80 6.36
CA ASN B 141 -5.10 -16.80 6.51
C ASN B 141 -5.71 -17.69 5.43
N ARG B 142 -6.52 -18.67 5.87
CA ARG B 142 -7.15 -19.59 4.93
CA ARG B 142 -7.14 -19.59 4.93
C ARG B 142 -8.07 -18.88 3.96
N GLU B 143 -8.61 -17.71 4.34
CA GLU B 143 -9.46 -16.96 3.41
C GLU B 143 -8.71 -16.62 2.13
N THR B 144 -7.39 -16.44 2.22
CA THR B 144 -6.59 -16.22 1.02
C THR B 144 -6.62 -17.43 0.09
N VAL B 145 -6.72 -18.64 0.66
CA VAL B 145 -6.88 -19.83 -0.17
C VAL B 145 -8.14 -19.74 -1.00
N ASP B 146 -9.26 -19.38 -0.36
CA ASP B 146 -10.53 -19.23 -1.07
C ASP B 146 -10.42 -18.17 -2.17
N ALA B 147 -9.82 -17.03 -1.85
CA ALA B 147 -9.70 -15.95 -2.83
C ALA B 147 -8.89 -16.40 -4.04
N PHE B 148 -7.85 -17.21 -3.83
CA PHE B 148 -7.05 -17.68 -4.95
C PHE B 148 -7.83 -18.64 -5.83
N ALA B 149 -8.63 -19.51 -5.22
CA ALA B 149 -9.47 -20.42 -6.00
C ALA B 149 -10.41 -19.65 -6.91
N GLU B 150 -11.14 -18.68 -6.35
CA GLU B 150 -12.02 -17.84 -7.15
C GLU B 150 -11.23 -17.09 -8.22
N TYR B 151 -10.04 -16.61 -7.87
CA TYR B 151 -9.19 -15.92 -8.84
C TYR B 151 -8.82 -16.83 -10.00
N ALA B 152 -8.32 -18.03 -9.68
CA ALA B 152 -8.00 -19.01 -10.73
C ALA B 152 -9.21 -19.32 -11.59
N ARG B 153 -10.39 -19.44 -10.97
N ARG B 153 -10.39 -19.44 -10.97
CA ARG B 153 -11.60 -19.72 -11.72
CA ARG B 153 -11.60 -19.72 -11.72
C ARG B 153 -11.89 -18.62 -12.73
C ARG B 153 -11.90 -18.63 -12.73
N VAL B 154 -11.83 -17.36 -12.29
CA VAL B 154 -12.14 -16.23 -13.17
C VAL B 154 -11.26 -16.25 -14.41
N CYS B 155 -9.97 -16.51 -14.22
CA CYS B 155 -9.04 -16.53 -15.34
C CYS B 155 -9.32 -17.68 -16.29
N PHE B 156 -9.62 -18.87 -15.74
CA PHE B 156 -9.94 -20.01 -16.58
C PHE B 156 -11.14 -19.72 -17.48
N GLU B 157 -12.18 -19.09 -16.93
CA GLU B 157 -13.41 -18.88 -17.69
C GLU B 157 -13.20 -17.86 -18.80
N ARG B 158 -12.53 -16.74 -18.50
CA ARG B 158 -12.42 -15.65 -19.47
C ARG B 158 -11.25 -15.84 -20.44
N PHE B 159 -10.24 -16.63 -20.07
CA PHE B 159 -9.07 -16.80 -20.90
C PHE B 159 -8.83 -18.22 -21.38
N GLY B 160 -9.43 -19.22 -20.75
CA GLY B 160 -9.06 -20.59 -21.02
C GLY B 160 -9.43 -21.11 -22.39
N ASP B 161 -10.39 -20.46 -23.06
CA ASP B 161 -10.72 -20.89 -24.41
C ASP B 161 -9.55 -20.68 -25.37
N ARG B 162 -8.69 -19.71 -25.08
CA ARG B 162 -7.49 -19.46 -25.86
C ARG B 162 -6.23 -20.01 -25.20
N VAL B 163 -6.11 -19.90 -23.87
CA VAL B 163 -4.92 -20.36 -23.17
C VAL B 163 -5.01 -21.87 -22.97
N LYS B 164 -3.91 -22.57 -23.24
N LYS B 164 -3.92 -22.57 -23.28
CA LYS B 164 -3.87 -24.01 -23.10
CA LYS B 164 -3.83 -24.01 -23.14
C LYS B 164 -2.80 -24.52 -22.15
C LYS B 164 -2.90 -24.47 -22.02
N TYR B 165 -1.93 -23.65 -21.63
CA TYR B 165 -0.93 -24.07 -20.65
C TYR B 165 -0.96 -23.11 -19.48
N TRP B 166 -1.08 -23.67 -18.27
CA TRP B 166 -1.29 -22.90 -17.05
C TRP B 166 -0.33 -23.35 -15.96
N ILE B 167 0.17 -22.37 -15.20
CA ILE B 167 0.96 -22.62 -14.01
C ILE B 167 0.22 -22.02 -12.81
N THR B 168 0.13 -22.77 -11.72
CA THR B 168 -0.45 -22.23 -10.50
C THR B 168 0.49 -21.24 -9.84
N PHE B 169 1.66 -21.72 -9.41
CA PHE B 169 2.59 -20.90 -8.64
C PHE B 169 3.99 -20.98 -9.23
N ASN B 170 4.70 -19.87 -9.17
CA ASN B 170 6.11 -19.82 -9.55
C ASN B 170 6.96 -19.91 -8.29
N GLU B 171 7.75 -20.97 -8.19
CA GLU B 171 8.63 -21.26 -7.05
C GLU B 171 7.95 -20.94 -5.71
N PRO B 172 6.87 -21.66 -5.37
CA PRO B 172 6.30 -21.47 -4.03
C PRO B 172 7.29 -21.80 -2.92
N ASN B 173 8.19 -22.75 -3.17
CA ASN B 173 9.20 -23.08 -2.17
C ASN B 173 10.12 -21.89 -1.88
N VAL B 174 10.44 -21.10 -2.92
CA VAL B 174 11.34 -19.99 -2.74
C VAL B 174 10.65 -18.83 -2.02
N PHE B 175 9.40 -18.54 -2.40
CA PHE B 175 8.67 -17.44 -1.77
C PHE B 175 8.51 -17.68 -0.28
N ALA B 176 8.15 -18.91 0.11
CA ALA B 176 7.95 -19.21 1.52
C ALA B 176 9.22 -18.98 2.33
N VAL B 177 10.37 -19.33 1.76
CA VAL B 177 11.64 -19.11 2.48
C VAL B 177 11.94 -17.62 2.55
N LEU B 178 11.83 -16.93 1.42
CA LEU B 178 12.28 -15.53 1.36
C LEU B 178 11.28 -14.59 2.02
N GLY B 179 10.01 -14.96 2.06
CA GLY B 179 9.00 -14.07 2.63
C GLY B 179 8.73 -14.31 4.09
N TYR B 180 8.98 -15.52 4.59
CA TYR B 180 8.59 -15.89 5.94
C TYR B 180 9.72 -16.41 6.83
N LEU B 181 10.85 -16.81 6.27
CA LEU B 181 12.00 -17.22 7.08
C LEU B 181 13.16 -16.25 6.98
N SER B 182 13.61 -15.94 5.76
CA SER B 182 14.70 -14.98 5.59
C SER B 182 14.23 -13.55 5.81
N GLY B 183 13.04 -13.21 5.31
CA GLY B 183 12.50 -11.88 5.47
C GLY B 183 12.95 -10.86 4.44
N VAL B 184 13.71 -11.28 3.42
CA VAL B 184 14.18 -10.33 2.41
C VAL B 184 13.13 -10.02 1.35
N HIS B 185 12.06 -10.80 1.29
CA HIS B 185 10.94 -10.55 0.40
C HIS B 185 9.69 -10.31 1.22
N PRO B 186 8.68 -9.61 0.68
CA PRO B 186 7.44 -9.41 1.42
C PRO B 186 6.73 -10.74 1.61
N PRO B 187 5.99 -10.89 2.72
CA PRO B 187 5.70 -9.89 3.74
C PRO B 187 6.80 -9.67 4.79
N GLY B 188 8.01 -10.17 4.54
CA GLY B 188 9.18 -9.77 5.30
C GLY B 188 9.27 -10.29 6.72
N MET B 189 8.77 -11.48 6.98
CA MET B 189 8.78 -12.05 8.32
C MET B 189 9.88 -13.10 8.45
N LYS B 190 10.22 -13.42 9.70
CA LYS B 190 11.25 -14.41 10.04
C LYS B 190 10.68 -15.27 11.19
N ASP B 191 9.87 -16.25 10.82
CA ASP B 191 9.24 -17.15 11.79
C ASP B 191 8.96 -18.46 11.08
N LEU B 192 9.58 -19.55 11.57
CA LEU B 192 9.48 -20.82 10.87
C LEU B 192 8.06 -21.37 10.93
N LYS B 193 7.36 -21.20 12.06
CA LYS B 193 5.99 -21.68 12.14
C LYS B 193 5.10 -20.94 11.15
N LYS B 194 5.33 -19.64 10.95
CA LYS B 194 4.57 -18.91 9.94
C LYS B 194 4.95 -19.36 8.54
N ALA B 195 6.22 -19.69 8.31
CA ALA B 195 6.62 -20.25 7.02
C ALA B 195 5.89 -21.55 6.75
N PHE B 196 5.76 -22.39 7.76
CA PHE B 196 5.06 -23.66 7.60
C PHE B 196 3.59 -23.42 7.24
N ARG B 197 2.89 -22.62 8.02
CA ARG B 197 1.47 -22.37 7.77
C ARG B 197 1.27 -21.76 6.38
N ALA B 198 2.12 -20.80 6.00
CA ALA B 198 2.01 -20.21 4.67
C ALA B 198 2.25 -21.25 3.58
N ALA B 199 3.26 -22.10 3.77
CA ALA B 199 3.52 -23.17 2.81
C ALA B 199 2.31 -24.10 2.69
N HIS B 200 1.73 -24.47 3.83
CA HIS B 200 0.57 -25.37 3.81
C HIS B 200 -0.58 -24.75 3.03
N ASN B 201 -0.87 -23.46 3.28
CA ASN B 201 -1.95 -22.79 2.57
C ASN B 201 -1.65 -22.67 1.08
N LEU B 202 -0.37 -22.56 0.71
CA LEU B 202 -0.02 -22.47 -0.70
C LEU B 202 -0.33 -23.76 -1.44
N LEU B 203 0.01 -24.90 -0.85
CA LEU B 203 -0.29 -26.19 -1.47
C LEU B 203 -1.79 -26.42 -1.56
N LEU B 204 -2.53 -26.06 -0.50
CA LEU B 204 -3.98 -26.20 -0.54
C LEU B 204 -4.60 -25.31 -1.61
N ALA B 205 -4.11 -24.06 -1.72
CA ALA B 205 -4.61 -23.18 -2.77
C ALA B 205 -4.24 -23.71 -4.15
N HIS B 206 -3.03 -24.25 -4.30
CA HIS B 206 -2.65 -24.90 -5.56
C HIS B 206 -3.61 -26.04 -5.88
N ALA B 207 -3.85 -26.93 -4.92
CA ALA B 207 -4.72 -28.07 -5.15
C ALA B 207 -6.13 -27.65 -5.50
N ARG B 208 -6.67 -26.64 -4.82
CA ARG B 208 -8.02 -26.20 -5.08
C ARG B 208 -8.15 -25.55 -6.46
N ALA B 209 -7.08 -24.91 -6.94
CA ALA B 209 -7.10 -24.34 -8.29
C ALA B 209 -6.95 -25.41 -9.35
N VAL B 210 -6.11 -26.42 -9.09
CA VAL B 210 -5.97 -27.54 -10.02
C VAL B 210 -7.30 -28.27 -10.15
N LYS B 211 -7.98 -28.49 -9.02
N LYS B 211 -8.00 -28.48 -9.03
CA LYS B 211 -9.28 -29.16 -9.05
CA LYS B 211 -9.28 -29.18 -9.10
C LYS B 211 -10.32 -28.31 -9.78
C LYS B 211 -10.35 -28.32 -9.74
N ALA B 212 -10.23 -27.00 -9.63
CA ALA B 212 -11.18 -26.11 -10.31
C ALA B 212 -10.95 -26.12 -11.82
N TYR B 213 -9.71 -26.32 -12.25
CA TYR B 213 -9.43 -26.39 -13.69
C TYR B 213 -9.99 -27.69 -14.27
N ARG B 214 -9.83 -28.80 -13.56
CA ARG B 214 -10.40 -30.06 -14.03
C ARG B 214 -11.92 -30.02 -14.04
N GLU B 215 -12.53 -29.20 -13.17
CA GLU B 215 -13.99 -29.13 -13.09
C GLU B 215 -14.59 -28.42 -14.29
N ILE B 216 -13.84 -27.54 -14.94
CA ILE B 216 -14.28 -26.96 -16.21
C ILE B 216 -13.69 -27.71 -17.40
N SER B 217 -12.71 -28.59 -17.17
CA SER B 217 -12.20 -29.57 -18.11
C SER B 217 -11.96 -28.98 -19.51
N GLN B 218 -11.14 -27.95 -19.53
CA GLN B 218 -10.51 -27.56 -20.78
C GLN B 218 -9.28 -28.44 -20.98
N ASN B 219 -9.19 -29.07 -22.15
CA ASN B 219 -8.06 -29.97 -22.41
C ASN B 219 -6.79 -29.19 -22.74
N GLY B 220 -6.58 -28.08 -22.04
CA GLY B 220 -5.26 -27.57 -21.83
C GLY B 220 -4.62 -28.28 -20.65
N GLN B 221 -3.40 -27.87 -20.31
CA GLN B 221 -2.65 -28.53 -19.27
C GLN B 221 -2.39 -27.58 -18.11
N ILE B 222 -2.16 -28.15 -16.94
CA ILE B 222 -1.93 -27.41 -15.71
C ILE B 222 -0.71 -28.00 -15.00
N GLY B 223 0.02 -27.15 -14.30
CA GLY B 223 1.19 -27.59 -13.60
C GLY B 223 1.67 -26.54 -12.61
N ILE B 224 2.92 -26.71 -12.17
CA ILE B 224 3.54 -25.80 -11.22
C ILE B 224 5.02 -25.71 -11.53
N THR B 225 5.66 -24.67 -11.01
CA THR B 225 7.06 -24.37 -11.26
C THR B 225 7.86 -24.47 -9.97
N LEU B 226 9.03 -25.10 -10.06
CA LEU B 226 9.92 -25.23 -8.91
C LEU B 226 11.36 -24.99 -9.33
N ASN B 227 12.13 -24.45 -8.41
CA ASN B 227 13.59 -24.39 -8.49
C ASN B 227 14.12 -25.30 -7.40
N LEU B 228 14.76 -26.39 -7.79
CA LEU B 228 15.20 -27.38 -6.81
C LEU B 228 16.63 -27.17 -6.33
N SER B 229 17.37 -26.21 -6.89
CA SER B 229 18.68 -25.81 -6.36
C SER B 229 18.77 -24.29 -6.25
N PRO B 230 17.93 -23.67 -5.40
CA PRO B 230 17.97 -22.21 -5.26
C PRO B 230 19.14 -21.75 -4.39
N VAL B 231 19.53 -20.50 -4.60
CA VAL B 231 20.78 -19.98 -4.05
C VAL B 231 20.54 -19.03 -2.89
N TYR B 232 19.44 -18.29 -2.96
CA TYR B 232 19.13 -17.23 -1.99
C TYR B 232 20.28 -16.24 -1.85
N PRO B 233 20.66 -15.54 -2.93
CA PRO B 233 21.79 -14.60 -2.84
C PRO B 233 21.51 -13.43 -1.90
N PRO B 283 -4.04 -32.42 12.35
CA PRO B 283 -3.16 -32.14 11.21
C PRO B 283 -3.91 -31.75 9.94
N GLU B 284 -5.21 -31.44 10.09
N GLU B 284 -5.21 -31.44 10.09
CA GLU B 284 -6.08 -31.16 8.95
CA GLU B 284 -6.08 -31.16 8.95
C GLU B 284 -5.95 -32.24 7.89
C GLU B 284 -5.94 -32.25 7.89
N ILE B 285 -6.13 -33.50 8.32
CA ILE B 285 -5.89 -34.64 7.45
C ILE B 285 -6.76 -34.58 6.19
N THR B 286 -7.91 -33.92 6.27
CA THR B 286 -8.71 -33.72 5.07
C THR B 286 -8.06 -32.69 4.13
N ASP B 287 -7.31 -31.74 4.67
CA ASP B 287 -6.47 -30.91 3.80
C ASP B 287 -5.43 -31.78 3.10
N GLU B 288 -4.56 -32.43 3.88
CA GLU B 288 -3.36 -33.06 3.33
C GLU B 288 -3.67 -33.95 2.13
N MET B 289 -4.74 -34.74 2.20
CA MET B 289 -5.10 -35.58 1.06
C MET B 289 -5.65 -34.74 -0.09
N GLU B 290 -6.32 -33.63 0.23
CA GLU B 290 -6.70 -32.68 -0.81
C GLU B 290 -5.47 -32.16 -1.54
N ILE B 291 -4.33 -32.04 -0.85
CA ILE B 291 -3.10 -31.66 -1.54
C ILE B 291 -2.65 -32.77 -2.48
N LEU B 292 -2.54 -34.00 -1.98
CA LEU B 292 -2.08 -35.11 -2.81
C LEU B 292 -3.08 -35.49 -3.89
N SER B 293 -4.31 -34.98 -3.82
CA SER B 293 -5.34 -35.24 -4.82
C SER B 293 -5.17 -34.38 -6.07
N ALA B 294 -4.11 -33.59 -6.17
CA ALA B 294 -3.96 -32.60 -7.23
C ALA B 294 -2.83 -33.03 -8.17
N SER B 295 -3.11 -34.04 -8.99
CA SER B 295 -2.12 -34.55 -9.93
C SER B 295 -1.84 -33.52 -11.01
N LEU B 296 -0.61 -33.54 -11.51
CA LEU B 296 -0.11 -32.55 -12.46
C LEU B 296 -0.21 -33.07 -13.89
N ASP B 297 -0.17 -32.13 -14.83
CA ASP B 297 0.03 -32.46 -16.24
C ASP B 297 1.47 -32.26 -16.68
N PHE B 298 2.18 -31.32 -16.07
CA PHE B 298 3.60 -31.13 -16.33
C PHE B 298 4.24 -30.52 -15.08
N ILE B 299 5.56 -30.61 -15.03
CA ILE B 299 6.35 -29.93 -14.01
C ILE B 299 7.20 -28.87 -14.70
N GLY B 300 7.21 -27.67 -14.13
CA GLY B 300 8.05 -26.60 -14.63
C GLY B 300 9.30 -26.49 -13.78
N LEU B 301 10.46 -26.47 -14.43
CA LEU B 301 11.74 -26.41 -13.76
C LEU B 301 12.40 -25.07 -14.02
N ASN B 302 12.79 -24.38 -12.94
CA ASN B 302 13.59 -23.16 -13.01
C ASN B 302 15.00 -23.52 -12.58
N TYR B 303 15.95 -23.44 -13.51
CA TYR B 303 17.35 -23.70 -13.19
C TYR B 303 18.18 -22.47 -13.49
N TYR B 304 19.04 -22.12 -12.56
CA TYR B 304 20.02 -21.06 -12.74
C TYR B 304 21.43 -21.51 -12.39
N THR B 305 21.58 -22.28 -11.31
CA THR B 305 22.85 -22.84 -10.88
C THR B 305 22.55 -23.84 -9.76
N SER B 306 23.60 -24.31 -9.11
CA SER B 306 23.44 -25.25 -8.00
C SER B 306 24.29 -24.85 -6.80
N TRP B 332 26.85 -16.54 -8.44
CA TRP B 332 26.23 -17.77 -8.94
C TRP B 332 27.21 -18.56 -9.84
N GLU B 333 27.62 -19.73 -9.37
CA GLU B 333 28.47 -20.61 -10.15
C GLU B 333 27.72 -21.06 -11.41
N ILE B 334 28.39 -21.03 -12.56
CA ILE B 334 27.78 -21.53 -13.79
C ILE B 334 28.08 -23.02 -13.91
N TYR B 335 27.03 -23.83 -13.92
CA TYR B 335 27.13 -25.27 -13.67
C TYR B 335 26.05 -25.99 -14.46
N PRO B 336 26.21 -26.07 -15.79
CA PRO B 336 25.17 -26.71 -16.62
C PRO B 336 25.04 -28.20 -16.39
N GLU B 337 26.09 -28.86 -15.88
CA GLU B 337 25.99 -30.29 -15.59
C GLU B 337 24.95 -30.58 -14.53
N GLY B 338 24.75 -29.65 -13.58
CA GLY B 338 23.69 -29.82 -12.61
C GLY B 338 22.32 -29.91 -13.25
N LEU B 339 22.08 -29.12 -14.29
CA LEU B 339 20.81 -29.18 -15.00
C LEU B 339 20.54 -30.59 -15.50
N TYR B 340 21.49 -31.16 -16.24
CA TYR B 340 21.28 -32.48 -16.83
C TYR B 340 21.11 -33.54 -15.74
N ASP B 341 21.88 -33.45 -14.66
CA ASP B 341 21.72 -34.36 -13.54
C ASP B 341 20.28 -34.36 -13.04
N LEU B 342 19.75 -33.17 -12.77
CA LEU B 342 18.40 -33.06 -12.22
C LEU B 342 17.35 -33.58 -13.22
N LEU B 343 17.53 -33.26 -14.51
CA LEU B 343 16.55 -33.65 -15.52
C LEU B 343 16.31 -35.15 -15.54
N LYS B 344 17.39 -35.94 -15.46
CA LYS B 344 17.19 -37.38 -15.49
C LYS B 344 16.66 -37.97 -14.19
N ARG B 345 17.04 -37.41 -13.04
CA ARG B 345 16.49 -37.91 -11.78
C ARG B 345 15.01 -37.60 -11.66
N ILE B 346 14.57 -36.48 -12.22
CA ILE B 346 13.14 -36.29 -12.36
C ILE B 346 12.57 -37.34 -13.29
N HIS B 347 13.28 -37.63 -14.38
CA HIS B 347 12.88 -38.74 -15.25
C HIS B 347 12.95 -40.06 -14.51
N GLU B 348 13.94 -40.22 -13.63
CA GLU B 348 14.03 -41.43 -12.80
C GLU B 348 12.88 -41.49 -11.81
N LYS B 349 12.77 -40.47 -10.96
CA LYS B 349 11.94 -40.51 -9.76
C LYS B 349 10.48 -40.22 -10.06
N TYR B 350 10.20 -39.09 -10.70
CA TYR B 350 8.87 -38.75 -11.18
C TYR B 350 8.73 -39.24 -12.61
N ASN B 351 7.52 -39.09 -13.14
CA ASN B 351 7.39 -38.84 -14.57
C ASN B 351 6.15 -38.05 -14.88
N LEU B 352 6.42 -36.85 -15.38
CA LEU B 352 5.57 -35.81 -15.90
C LEU B 352 6.33 -35.27 -17.08
N PRO B 353 5.66 -34.71 -18.06
CA PRO B 353 6.37 -33.89 -19.03
C PRO B 353 7.07 -32.74 -18.32
N ILE B 354 8.24 -32.37 -18.83
CA ILE B 354 9.06 -31.35 -18.20
C ILE B 354 9.22 -30.19 -19.18
N TYR B 355 8.88 -28.99 -18.72
CA TYR B 355 9.25 -27.73 -19.34
C TYR B 355 10.22 -27.04 -18.40
N ILE B 356 11.37 -26.63 -18.92
CA ILE B 356 12.25 -25.78 -18.10
C ILE B 356 11.76 -24.35 -18.30
N THR B 357 10.93 -23.90 -17.36
CA THR B 357 10.18 -22.65 -17.44
C THR B 357 11.05 -21.42 -17.20
N GLU B 358 12.28 -21.61 -16.72
CA GLU B 358 13.22 -20.53 -16.51
C GLU B 358 14.64 -21.06 -16.62
N ASN B 359 15.47 -20.31 -17.33
CA ASN B 359 16.91 -20.54 -17.39
C ASN B 359 17.57 -19.30 -17.98
N GLY B 360 18.59 -18.77 -17.30
CA GLY B 360 19.20 -17.55 -17.76
C GLY B 360 20.32 -17.11 -16.84
N MET B 361 20.84 -15.92 -17.12
CA MET B 361 22.03 -15.43 -16.44
C MET B 361 22.00 -13.90 -16.45
N ALA B 362 22.38 -13.30 -15.34
CA ALA B 362 22.51 -11.86 -15.23
C ALA B 362 23.93 -11.43 -15.58
N VAL B 363 24.04 -10.43 -16.46
CA VAL B 363 25.33 -9.91 -16.92
C VAL B 363 25.30 -8.40 -16.79
N ASP B 364 26.47 -7.80 -16.57
CA ASP B 364 26.61 -6.35 -16.51
C ASP B 364 26.60 -5.78 -17.94
N ASP B 365 25.43 -5.82 -18.54
CA ASP B 365 25.28 -5.41 -19.93
C ASP B 365 25.38 -3.89 -20.06
N GLU B 366 26.10 -3.44 -21.09
N GLU B 366 26.08 -3.43 -21.09
CA GLU B 366 26.20 -2.03 -21.44
CA GLU B 366 26.15 -2.02 -21.41
C GLU B 366 25.91 -1.86 -22.92
C GLU B 366 25.96 -1.84 -22.91
N VAL B 367 25.37 -0.69 -23.28
CA VAL B 367 25.12 -0.35 -24.67
C VAL B 367 26.36 0.38 -25.19
N GLU B 368 27.14 -0.29 -26.03
CA GLU B 368 28.29 0.33 -26.70
C GLU B 368 27.84 0.65 -28.12
N ASP B 369 27.43 1.90 -28.30
CA ASP B 369 27.04 2.44 -29.60
C ASP B 369 25.92 1.56 -30.22
N GLY B 370 24.84 1.44 -29.46
CA GLY B 370 23.62 0.81 -29.90
C GLY B 370 23.59 -0.70 -29.81
N ALA B 371 24.68 -1.34 -29.40
CA ALA B 371 24.77 -2.79 -29.36
C ALA B 371 25.14 -3.27 -27.96
N VAL B 372 24.71 -4.50 -27.66
CA VAL B 372 25.04 -5.18 -26.41
C VAL B 372 25.67 -6.51 -26.77
N HIS B 373 26.98 -6.64 -26.55
CA HIS B 373 27.72 -7.85 -26.90
C HIS B 373 27.78 -8.76 -25.66
N ASP B 374 26.66 -9.42 -25.38
CA ASP B 374 26.55 -10.31 -24.22
C ASP B 374 26.92 -11.73 -24.63
N THR B 375 28.19 -11.91 -24.97
CA THR B 375 28.69 -13.24 -25.33
C THR B 375 28.62 -14.18 -24.13
N ASN B 376 28.78 -13.65 -22.91
CA ASN B 376 28.61 -14.46 -21.71
C ASN B 376 27.26 -15.17 -21.73
N ARG B 377 26.18 -14.42 -21.98
CA ARG B 377 24.85 -15.00 -21.97
C ARG B 377 24.69 -16.08 -23.04
N ILE B 378 25.36 -15.93 -24.18
CA ILE B 378 25.32 -16.97 -25.21
C ILE B 378 25.95 -18.25 -24.70
N ASP B 379 27.14 -18.14 -24.13
CA ASP B 379 27.83 -19.30 -23.59
C ASP B 379 26.97 -20.03 -22.57
N TYR B 380 26.45 -19.29 -21.59
CA TYR B 380 25.61 -19.89 -20.55
C TYR B 380 24.45 -20.68 -21.16
N LEU B 381 23.65 -20.02 -22.00
CA LEU B 381 22.49 -20.68 -22.60
C LEU B 381 22.93 -21.90 -23.40
N LYS B 382 23.81 -21.71 -24.39
CA LYS B 382 24.26 -22.81 -25.23
C LYS B 382 24.68 -24.02 -24.41
N GLU B 383 25.49 -23.80 -23.38
CA GLU B 383 25.93 -24.91 -22.53
C GLU B 383 24.75 -25.57 -21.83
N HIS B 384 23.76 -24.79 -21.43
CA HIS B 384 22.59 -25.36 -20.80
C HIS B 384 21.64 -25.98 -21.82
N LEU B 385 21.60 -25.44 -23.05
CA LEU B 385 20.87 -26.12 -24.11
C LEU B 385 21.54 -27.42 -24.53
N GLU B 386 22.85 -27.57 -24.26
CA GLU B 386 23.49 -28.87 -24.48
C GLU B 386 23.04 -29.89 -23.44
N ALA B 387 22.97 -29.47 -22.16
CA ALA B 387 22.59 -30.38 -21.10
C ALA B 387 21.17 -30.90 -21.30
N VAL B 388 20.24 -30.02 -21.67
CA VAL B 388 18.87 -30.47 -21.93
C VAL B 388 18.86 -31.41 -23.13
N HIS B 389 19.75 -31.20 -24.09
CA HIS B 389 19.77 -32.08 -25.27
C HIS B 389 20.37 -33.44 -24.94
N LYS B 390 21.38 -33.48 -24.06
N LYS B 390 21.37 -33.48 -24.06
CA LYS B 390 21.93 -34.77 -23.64
CA LYS B 390 21.92 -34.77 -23.65
C LYS B 390 20.89 -35.55 -22.85
C LYS B 390 20.90 -35.55 -22.83
N ALA B 391 20.07 -34.86 -22.05
CA ALA B 391 19.02 -35.53 -21.31
C ALA B 391 17.95 -36.07 -22.24
N ILE B 392 17.58 -35.30 -23.27
CA ILE B 392 16.45 -35.71 -24.10
C ILE B 392 16.80 -36.95 -24.91
N GLU B 393 18.03 -37.06 -25.40
CA GLU B 393 18.36 -38.26 -26.15
C GLU B 393 18.56 -39.45 -25.24
N GLU B 394 18.59 -39.23 -23.93
CA GLU B 394 18.50 -40.29 -22.95
C GLU B 394 17.06 -40.49 -22.47
N GLY B 395 16.08 -39.95 -23.20
CA GLY B 395 14.69 -40.24 -22.98
C GLY B 395 13.95 -39.28 -22.08
N VAL B 396 14.63 -38.29 -21.49
CA VAL B 396 13.95 -37.30 -20.68
C VAL B 396 12.90 -36.58 -21.53
N ASN B 397 11.69 -36.47 -21.01
CA ASN B 397 10.57 -35.92 -21.78
C ASN B 397 10.48 -34.40 -21.66
N VAL B 398 11.58 -33.70 -21.94
CA VAL B 398 11.54 -32.25 -22.02
C VAL B 398 10.69 -31.84 -23.22
N ARG B 399 9.72 -30.97 -23.00
CA ARG B 399 8.81 -30.54 -24.05
C ARG B 399 8.90 -29.06 -24.38
N GLY B 400 9.72 -28.30 -23.66
CA GLY B 400 9.84 -26.87 -23.93
C GLY B 400 10.96 -26.25 -23.13
N TYR B 401 11.31 -25.03 -23.53
CA TYR B 401 12.41 -24.28 -22.92
C TYR B 401 12.09 -22.79 -22.98
N PHE B 402 12.22 -22.10 -21.85
CA PHE B 402 11.91 -20.68 -21.75
C PHE B 402 13.10 -19.93 -21.19
N VAL B 403 13.56 -18.92 -21.93
CA VAL B 403 14.64 -18.06 -21.46
C VAL B 403 14.09 -17.09 -20.43
N TRP B 404 14.78 -16.95 -19.31
CA TRP B 404 14.60 -15.80 -18.43
C TRP B 404 15.81 -14.88 -18.62
N SER B 405 15.58 -13.69 -19.14
CA SER B 405 14.24 -13.19 -19.44
C SER B 405 14.12 -12.70 -20.88
N LEU B 406 12.88 -12.46 -21.34
CA LEU B 406 12.70 -11.84 -22.65
C LEU B 406 13.36 -10.46 -22.69
N MET B 407 13.20 -9.68 -21.63
CA MET B 407 13.73 -8.33 -21.55
C MET B 407 14.21 -8.08 -20.12
N ASP B 408 15.18 -7.19 -19.98
CA ASP B 408 15.59 -6.74 -18.66
C ASP B 408 14.37 -6.19 -17.92
N ASN B 409 14.35 -6.33 -16.61
CA ASN B 409 13.15 -5.97 -15.85
C ASN B 409 13.52 -5.70 -14.40
N PHE B 410 12.48 -5.51 -13.58
CA PHE B 410 12.59 -5.26 -12.14
C PHE B 410 12.78 -6.61 -11.46
N GLU B 411 14.02 -6.88 -11.02
CA GLU B 411 14.36 -8.18 -10.44
C GLU B 411 14.23 -8.16 -8.92
N TRP B 412 13.00 -7.91 -8.46
CA TRP B 412 12.61 -7.99 -7.05
C TRP B 412 13.54 -7.09 -6.24
N ALA B 413 14.07 -7.54 -5.10
CA ALA B 413 14.87 -6.69 -4.23
C ALA B 413 16.18 -6.23 -4.87
N ASN B 414 16.58 -6.84 -5.98
CA ASN B 414 17.73 -6.33 -6.73
C ASN B 414 17.37 -5.14 -7.61
N GLY B 415 16.08 -4.83 -7.75
CA GLY B 415 15.68 -3.72 -8.58
C GLY B 415 16.10 -3.92 -10.03
N TYR B 416 16.51 -2.83 -10.66
CA TYR B 416 16.91 -2.85 -12.05
C TYR B 416 18.42 -3.08 -12.22
N SER B 417 19.13 -3.40 -11.14
CA SER B 417 20.57 -3.53 -11.18
C SER B 417 21.04 -4.90 -11.68
N LYS B 418 20.12 -5.80 -12.02
CA LYS B 418 20.48 -7.10 -12.59
C LYS B 418 19.65 -7.32 -13.85
N ARG B 419 20.33 -7.47 -14.98
CA ARG B 419 19.69 -7.61 -16.28
C ARG B 419 19.77 -9.06 -16.73
N PHE B 420 18.61 -9.66 -16.98
CA PHE B 420 18.52 -11.05 -17.45
C PHE B 420 18.03 -11.16 -18.89
N GLY B 421 17.71 -10.05 -19.53
CA GLY B 421 16.93 -10.11 -20.76
C GLY B 421 17.74 -10.50 -21.98
N LEU B 422 17.05 -11.13 -22.93
CA LEU B 422 17.55 -11.20 -24.29
C LEU B 422 17.49 -9.84 -24.97
N ILE B 423 16.66 -8.94 -24.46
CA ILE B 423 16.43 -7.62 -25.03
C ILE B 423 16.76 -6.59 -23.96
N TYR B 424 17.61 -5.62 -24.31
CA TYR B 424 17.96 -4.56 -23.39
C TYR B 424 16.85 -3.52 -23.34
N VAL B 425 16.56 -3.02 -22.14
CA VAL B 425 15.60 -1.94 -21.94
C VAL B 425 16.31 -0.80 -21.25
N ASP B 426 16.30 0.37 -21.88
CA ASP B 426 16.79 1.59 -21.25
C ASP B 426 15.62 2.27 -20.54
N TYR B 427 15.70 2.37 -19.23
CA TYR B 427 14.55 2.76 -18.44
C TYR B 427 14.26 4.27 -18.45
N LYS B 428 15.16 5.08 -18.99
CA LYS B 428 14.84 6.50 -19.15
C LYS B 428 13.97 6.75 -20.37
N THR B 429 14.17 5.97 -21.45
CA THR B 429 13.43 6.14 -22.68
C THR B 429 12.49 4.98 -23.00
N GLN B 430 12.59 3.87 -22.26
CA GLN B 430 11.85 2.63 -22.55
C GLN B 430 12.23 2.03 -23.90
N LYS B 431 13.37 2.42 -24.46
CA LYS B 431 13.79 1.90 -25.75
C LYS B 431 14.26 0.46 -25.62
N ARG B 432 13.78 -0.40 -26.51
CA ARG B 432 14.14 -1.81 -26.53
C ARG B 432 15.28 -2.03 -27.52
N THR B 433 16.37 -2.63 -27.05
CA THR B 433 17.51 -2.95 -27.91
C THR B 433 17.83 -4.43 -27.78
N PRO B 434 17.54 -5.24 -28.80
CA PRO B 434 17.91 -6.66 -28.74
C PRO B 434 19.41 -6.84 -28.52
N LYS B 435 19.75 -7.63 -27.51
CA LYS B 435 21.14 -7.96 -27.28
C LYS B 435 21.61 -8.99 -28.30
N LYS B 436 22.91 -9.32 -28.24
CA LYS B 436 23.44 -10.31 -29.14
C LYS B 436 22.77 -11.67 -28.94
N SER B 437 22.33 -11.95 -27.71
CA SER B 437 21.72 -13.25 -27.45
C SER B 437 20.39 -13.40 -28.15
N ALA B 438 19.66 -12.30 -28.33
CA ALA B 438 18.39 -12.35 -29.06
C ALA B 438 18.61 -12.83 -30.49
N TYR B 439 19.62 -12.28 -31.17
CA TYR B 439 19.90 -12.70 -32.54
C TYR B 439 20.39 -14.16 -32.58
N TRP B 440 21.16 -14.57 -31.59
CA TRP B 440 21.62 -15.95 -31.54
C TRP B 440 20.48 -16.90 -31.24
N TYR B 441 19.61 -16.53 -30.30
CA TYR B 441 18.46 -17.38 -29.96
C TYR B 441 17.48 -17.47 -31.12
N ARG B 442 17.38 -16.42 -31.93
CA ARG B 442 16.48 -16.46 -33.09
C ARG B 442 16.88 -17.56 -34.07
N GLU B 443 18.18 -17.75 -34.27
CA GLU B 443 18.64 -18.77 -35.20
C GLU B 443 18.48 -20.17 -34.61
N VAL B 444 18.70 -20.31 -33.30
CA VAL B 444 18.46 -21.58 -32.63
C VAL B 444 17.04 -22.06 -32.89
N ILE B 445 16.08 -21.15 -32.80
CA ILE B 445 14.69 -21.51 -33.08
C ILE B 445 14.51 -21.85 -34.55
N LYS B 446 15.09 -21.03 -35.45
CA LYS B 446 14.94 -21.26 -36.88
C LYS B 446 15.49 -22.62 -37.29
N SER B 447 16.61 -23.03 -36.68
CA SER B 447 17.21 -24.32 -36.98
C SER B 447 16.84 -25.39 -35.96
N ASN B 448 16.00 -25.06 -34.97
CA ASN B 448 15.52 -26.03 -33.98
C ASN B 448 16.66 -26.80 -33.34
N GLY B 449 17.76 -26.10 -33.05
CA GLY B 449 18.90 -26.76 -32.44
C GLY B 449 20.11 -25.86 -32.40
N LEU B 450 21.26 -26.49 -32.12
CA LEU B 450 22.51 -25.76 -31.96
C LEU B 450 23.61 -26.30 -32.87
N GLU B 451 24.83 -25.81 -32.68
CA GLU B 451 25.98 -26.21 -33.47
C GLU B 451 27.17 -26.41 -32.54
N LEU B 452 27.86 -27.54 -32.71
CA LEU B 452 28.83 -28.06 -31.75
C LEU B 452 30.24 -28.08 -32.36
N GLU B 453 31.21 -28.51 -31.55
CA GLU B 453 32.53 -28.85 -32.06
C GLU B 453 33.32 -29.57 -30.97
N HIS B 454 34.26 -30.41 -31.41
CA HIS B 454 35.21 -31.08 -30.54
C HIS B 454 36.04 -30.07 -29.74
N UNK C 1 -29.60 0.30 7.17
CA UNK C 1 -29.39 1.66 7.65
C UNK C 1 -29.27 1.69 9.17
N UNK C 2 -28.19 1.11 9.68
CA UNK C 2 -27.96 1.01 11.12
C UNK C 2 -26.70 1.78 11.48
N UNK C 3 -26.85 2.81 12.32
CA UNK C 3 -25.68 3.48 12.87
C UNK C 3 -24.97 2.58 13.87
N UNK C 4 -25.74 1.96 14.78
CA UNK C 4 -25.20 1.08 15.81
C UNK C 4 -24.03 1.74 16.53
N UNK C 5 -24.27 2.96 17.02
CA UNK C 5 -23.21 3.79 17.58
C UNK C 5 -22.53 3.08 18.73
N UNK C 6 -21.24 2.82 18.57
CA UNK C 6 -20.38 2.39 19.67
C UNK C 6 -19.66 3.56 20.32
N UNK C 7 -19.93 4.79 19.87
CA UNK C 7 -19.28 5.96 20.45
C UNK C 7 -19.63 6.11 21.92
N UNK C 8 -20.91 6.00 22.25
CA UNK C 8 -21.35 6.06 23.65
C UNK C 8 -21.12 4.74 24.38
N UNK C 9 -20.66 3.69 23.69
CA UNK C 9 -20.43 2.42 24.36
C UNK C 9 -19.31 2.54 25.39
N UNK C 10 -18.26 3.30 25.08
CA UNK C 10 -17.15 3.53 25.98
C UNK C 10 -16.93 5.03 26.14
N UNK C 11 -16.85 5.48 27.38
CA UNK C 11 -16.65 6.90 27.70
C UNK C 11 -15.31 7.06 28.39
N UNK C 12 -14.43 7.87 27.80
CA UNK C 12 -13.11 8.09 28.40
C UNK C 12 -13.24 8.79 29.74
N UNK C 13 -14.18 9.73 29.86
CA UNK C 13 -14.32 10.47 31.10
C UNK C 13 -14.93 9.62 32.20
N UNK C 14 -15.84 8.71 31.84
CA UNK C 14 -16.42 7.81 32.82
C UNK C 14 -15.36 6.85 33.35
N UNK C 15 -15.41 6.59 34.67
CA UNK C 15 -14.43 5.71 35.29
C UNK C 15 -14.64 4.25 34.89
N UNK C 16 -15.88 3.85 34.62
CA UNK C 16 -16.13 2.50 34.15
C UNK C 16 -15.67 2.36 32.70
N UNK C 17 -15.08 1.21 32.38
CA UNK C 17 -14.60 0.92 31.05
C UNK C 17 -15.08 -0.45 30.61
N UNK C 18 -15.12 -0.65 29.29
CA UNK C 18 -15.56 -1.91 28.72
C UNK C 18 -14.95 -2.13 27.34
N UNK D 1 25.17 -12.60 8.17
CA UNK D 1 23.94 -13.32 8.46
C UNK D 1 23.84 -14.59 7.61
N UNK D 2 24.33 -15.70 8.14
CA UNK D 2 24.41 -16.94 7.39
C UNK D 2 23.03 -17.53 7.15
N UNK D 3 22.84 -18.12 5.97
CA UNK D 3 21.53 -18.61 5.57
C UNK D 3 21.18 -19.90 6.30
N UNK D 4 19.92 -19.99 6.74
CA UNK D 4 19.46 -21.08 7.60
C UNK D 4 19.41 -22.42 6.89
N UNK D 5 19.56 -22.46 5.56
CA UNK D 5 19.66 -23.69 4.79
C UNK D 5 18.46 -24.60 5.04
N UNK D 6 17.27 -24.03 4.95
CA UNK D 6 16.03 -24.79 5.12
C UNK D 6 15.54 -25.33 3.78
N UNK D 7 16.38 -26.17 3.18
CA UNK D 7 15.96 -26.93 2.01
C UNK D 7 14.83 -27.90 2.32
N UNK D 8 14.55 -28.13 3.60
CA UNK D 8 13.42 -28.96 3.99
C UNK D 8 12.11 -28.41 3.45
N UNK D 9 11.93 -27.09 3.50
CA UNK D 9 10.75 -26.48 2.92
C UNK D 9 10.70 -26.69 1.40
N UNK D 10 11.86 -26.58 0.75
CA UNK D 10 11.95 -26.87 -0.67
C UNK D 10 11.98 -28.38 -0.90
N UNK D 11 10.99 -29.08 -0.34
CA UNK D 11 10.83 -30.51 -0.47
C UNK D 11 9.41 -30.84 -0.04
N UNK D 12 8.84 -31.87 -0.67
CA UNK D 12 7.43 -32.21 -0.53
C UNK D 12 6.57 -30.98 -0.84
N UNK D 13 6.78 -30.43 -2.03
CA UNK D 13 6.04 -29.28 -2.51
C UNK D 13 5.41 -29.59 -3.85
C1 GOL E . -10.76 16.18 8.63
O1 GOL E . -9.94 15.30 9.34
C2 GOL E . -12.23 15.85 8.99
O2 GOL E . -13.12 16.70 8.34
C3 GOL E . -12.41 14.39 8.56
O3 GOL E . -13.75 14.26 8.20
S SO4 F . -16.92 11.67 5.85
O1 SO4 F . -17.26 10.93 7.06
O2 SO4 F . -18.14 12.20 5.25
O3 SO4 F . -16.03 12.77 6.18
O4 SO4 F . -16.27 10.78 4.89
C1 IPA G . 0.85 0.58 -1.05
C2 IPA G . 1.00 1.90 -1.79
C3 IPA G . 0.99 1.64 -3.30
O2 IPA G . 2.22 2.51 -1.44
C1 GOL H . 14.37 -14.90 -9.58
O1 GOL H . 15.70 -15.10 -9.16
C2 GOL H . 14.46 -14.35 -11.02
O2 GOL H . 15.63 -14.76 -11.65
C3 GOL H . 13.19 -14.91 -11.73
O3 GOL H . 12.12 -14.09 -11.35
#